data_5TTD
#
_entry.id   5TTD
#
_cell.length_a   180.359
_cell.length_b   192.093
_cell.length_c   68.204
_cell.angle_alpha   90.00
_cell.angle_beta   90.00
_cell.angle_gamma   90.00
#
_symmetry.space_group_name_H-M   'C 2 2 21'
#
loop_
_entity.id
_entity.type
_entity.pdbx_description
1 polymer 'Maltose-binding periplasmic protein,Pilin isopeptide linkage domain protein'
2 branched alpha-D-glucopyranose-(1-4)-alpha-D-glucopyranose-(1-4)-alpha-D-glucopyranose
3 non-polymer 'FORMIC ACID'
4 water water
#
_entity_poly.entity_id   1
_entity_poly.type   'polypeptide(L)'
_entity_poly.pdbx_seq_one_letter_code
;MSYYHHHHHHHMLVIWINGDKGYNGLAQVGKKFEKDTGIKVTVEHPDKLEEKFPQVAATGDGPDIIFWAHDRFGGYAQSG
LLAEITPDKAFQDKLYPFTWDAVRYNGKLIAYPIAVEALSLIYNKDLLPNPPKTWEEIPALDKELKAKGKSALMFNLQEP
YFTWPLIAADGGYAFKYENGKYDIKDVGVDNAGAKAGLTFLVDLIKNKHMNADTDYSIAEAAFNKGETAMTINGPWAWSN
IDTSKVNYGVTVLPTFKGQPSKPFVGVLSAGINAASPNKELAKEFLENYLLTDEGLEAVNKDKPLGAVALKSYEEELAKD
PRIAATMENAQKGEIMPNIPQMSAFWYAVRTAVINAASGRQTVDEALKDAQTNAGGAKDSTVQTSISVEKVLERAGDSTP
FSFALESIDAMKTIEEITIAGSGKASFSPLTFTTVGQYTYRVYEKPSQNKDYQADTTVFDVLVYVTYDEDGTLVAKVISR
RAGDEEKSAITFKNKRLVK
;
_entity_poly.pdbx_strand_id   A,B
#
loop_
_chem_comp.id
_chem_comp.type
_chem_comp.name
_chem_comp.formula
FMT non-polymer 'FORMIC ACID' 'C H2 O2'
GLC D-saccharide, alpha linking alpha-D-glucopyranose 'C6 H12 O6'
#
# COMPACT_ATOMS: atom_id res chain seq x y z
N HIS A 8 -53.19 19.57 -3.85
CA HIS A 8 -52.47 20.89 -3.86
C HIS A 8 -52.91 21.79 -5.01
N HIS A 9 -52.65 23.09 -4.86
CA HIS A 9 -52.95 24.12 -5.87
C HIS A 9 -51.93 24.00 -7.01
N HIS A 10 -52.41 24.09 -8.25
CA HIS A 10 -51.61 23.74 -9.45
C HIS A 10 -51.77 24.64 -10.71
N HIS A 11 -52.46 25.79 -10.69
CA HIS A 11 -52.55 26.65 -11.93
C HIS A 11 -51.17 27.14 -12.48
N MET A 12 -50.17 27.13 -11.59
CA MET A 12 -48.78 27.53 -11.85
C MET A 12 -47.83 26.38 -12.31
N LEU A 13 -46.75 26.74 -13.00
CA LEU A 13 -45.70 25.81 -13.45
C LEU A 13 -44.53 25.86 -12.48
N VAL A 14 -44.28 24.73 -11.80
CA VAL A 14 -43.23 24.61 -10.82
C VAL A 14 -42.04 23.83 -11.42
N ILE A 15 -40.83 24.35 -11.23
CA ILE A 15 -39.63 23.82 -11.89
C ILE A 15 -38.59 23.66 -10.83
N TRP A 16 -37.99 22.47 -10.79
CA TRP A 16 -36.87 22.21 -9.89
C TRP A 16 -35.59 22.15 -10.68
N ILE A 17 -34.55 22.79 -10.15
CA ILE A 17 -33.22 22.78 -10.75
C ILE A 17 -32.18 22.92 -9.67
N ASN A 18 -31.01 22.30 -9.86
CA ASN A 18 -30.00 22.30 -8.83
C ASN A 18 -29.48 23.69 -8.53
N GLY A 19 -29.11 23.90 -7.28
CA GLY A 19 -28.71 25.22 -6.79
C GLY A 19 -27.39 25.75 -7.31
N ASP A 20 -26.61 24.89 -7.96
CA ASP A 20 -25.40 25.33 -8.62
C ASP A 20 -25.66 25.90 -10.03
N LYS A 21 -26.87 25.74 -10.57
CA LYS A 21 -27.13 26.18 -11.93
C LYS A 21 -27.76 27.56 -11.93
N GLY A 22 -28.01 28.08 -13.12
CA GLY A 22 -28.59 29.43 -13.26
C GLY A 22 -30.07 29.52 -13.03
N TYR A 23 -30.53 29.26 -11.81
CA TYR A 23 -31.96 29.31 -11.52
C TYR A 23 -32.56 30.72 -11.66
N ASN A 24 -31.78 31.75 -11.38
CA ASN A 24 -32.25 33.14 -11.56
C ASN A 24 -32.47 33.51 -13.02
N GLY A 25 -31.58 33.04 -13.89
CA GLY A 25 -31.74 33.23 -15.32
C GLY A 25 -32.97 32.49 -15.78
N LEU A 26 -33.15 31.28 -15.26
CA LEU A 26 -34.28 30.49 -15.64
C LEU A 26 -35.56 31.16 -15.20
N ALA A 27 -35.55 31.76 -14.01
CA ALA A 27 -36.72 32.52 -13.56
C ALA A 27 -36.99 33.72 -14.47
N GLN A 28 -35.96 34.34 -15.03
CA GLN A 28 -36.19 35.43 -16.02
C GLN A 28 -36.94 34.90 -17.23
N VAL A 29 -36.56 33.73 -17.72
CA VAL A 29 -37.32 33.09 -18.79
C VAL A 29 -38.74 32.79 -18.37
N GLY A 30 -38.91 32.34 -17.13
CA GLY A 30 -40.25 32.13 -16.61
C GLY A 30 -41.10 33.40 -16.52
N LYS A 31 -40.49 34.54 -16.22
CA LYS A 31 -41.22 35.83 -16.21
C LYS A 31 -41.66 36.25 -17.60
N LYS A 32 -40.85 36.00 -18.62
CA LYS A 32 -41.27 36.26 -19.99
C LYS A 32 -42.47 35.38 -20.37
N PHE A 33 -42.42 34.10 -20.03
CA PHE A 33 -43.53 33.19 -20.28
C PHE A 33 -44.81 33.59 -19.52
N GLU A 34 -44.67 34.12 -18.32
CA GLU A 34 -45.81 34.61 -17.57
C GLU A 34 -46.46 35.80 -18.27
N LYS A 35 -45.66 36.69 -18.85
CA LYS A 35 -46.22 37.79 -19.63
C LYS A 35 -47.06 37.29 -20.78
N ASP A 36 -46.49 36.47 -21.66
CA ASP A 36 -47.20 35.99 -22.83
C ASP A 36 -48.45 35.18 -22.50
N THR A 37 -48.44 34.43 -21.40
CA THR A 37 -49.47 33.41 -21.18
C THR A 37 -50.28 33.57 -19.90
N GLY A 38 -49.87 34.47 -19.02
CA GLY A 38 -50.53 34.63 -17.75
C GLY A 38 -50.24 33.51 -16.77
N ILE A 39 -49.41 32.55 -17.15
CA ILE A 39 -49.13 31.42 -16.26
C ILE A 39 -47.88 31.73 -15.47
N LYS A 40 -47.99 31.68 -14.15
CA LYS A 40 -46.84 31.92 -13.26
C LYS A 40 -45.82 30.78 -13.37
N VAL A 41 -44.53 31.10 -13.24
CA VAL A 41 -43.48 30.10 -13.24
C VAL A 41 -42.67 30.31 -11.99
N THR A 42 -42.56 29.25 -11.19
CA THR A 42 -41.83 29.27 -9.94
C THR A 42 -40.69 28.28 -10.05
N VAL A 43 -39.47 28.76 -9.78
CA VAL A 43 -38.26 27.97 -9.90
C VAL A 43 -37.79 27.76 -8.49
N GLU A 44 -37.58 26.50 -8.13
CA GLU A 44 -37.12 26.13 -6.80
C GLU A 44 -35.87 25.27 -6.96
N HIS A 45 -35.00 25.31 -5.96
CA HIS A 45 -33.78 24.57 -5.95
C HIS A 45 -33.57 23.89 -4.62
N PRO A 46 -34.41 22.94 -4.28
CA PRO A 46 -34.18 22.25 -2.99
C PRO A 46 -32.87 21.41 -2.98
N ASP A 47 -32.30 21.21 -1.80
CA ASP A 47 -31.20 20.25 -1.61
C ASP A 47 -31.68 18.85 -1.97
N LYS A 48 -30.79 18.09 -2.60
CA LYS A 48 -31.05 16.70 -2.95
C LYS A 48 -32.37 16.50 -3.72
N LEU A 49 -32.62 17.38 -4.67
CA LEU A 49 -33.86 17.32 -5.46
C LEU A 49 -34.00 16.04 -6.29
N GLU A 50 -32.87 15.52 -6.74
CA GLU A 50 -32.85 14.29 -7.50
C GLU A 50 -33.33 13.11 -6.66
N GLU A 51 -33.10 13.18 -5.34
CA GLU A 51 -33.60 12.16 -4.40
C GLU A 51 -35.02 12.44 -3.97
N LYS A 52 -35.36 13.71 -3.77
CA LYS A 52 -36.69 14.08 -3.34
C LYS A 52 -37.72 13.84 -4.43
N PHE A 53 -37.35 14.03 -5.69
CA PHE A 53 -38.31 13.95 -6.78
C PHE A 53 -39.08 12.63 -6.77
N PRO A 54 -38.37 11.48 -6.72
CA PRO A 54 -39.16 10.24 -6.74
C PRO A 54 -40.00 9.98 -5.47
N GLN A 55 -39.67 10.64 -4.37
CA GLN A 55 -40.45 10.52 -3.15
C GLN A 55 -41.73 11.32 -3.22
N VAL A 56 -41.67 12.51 -3.79
CA VAL A 56 -42.82 13.34 -3.83
C VAL A 56 -43.63 13.19 -5.10
N ALA A 57 -42.99 12.73 -6.15
CA ALA A 57 -43.70 12.57 -7.39
C ALA A 57 -44.85 11.64 -7.14
N THR A 59 -47.81 12.16 -5.55
CA THR A 59 -48.30 12.39 -4.22
C THR A 59 -48.51 13.85 -4.37
N GLY A 60 -48.42 14.35 -5.60
CA GLY A 60 -48.62 15.76 -5.66
C GLY A 60 -47.47 16.38 -4.95
N ASP A 61 -47.46 17.69 -5.01
CA ASP A 61 -46.33 18.52 -4.53
C ASP A 61 -45.00 18.35 -5.29
N GLY A 62 -44.91 17.38 -6.21
CA GLY A 62 -43.73 17.28 -7.09
C GLY A 62 -43.71 18.44 -8.08
N PRO A 63 -42.53 18.78 -8.62
CA PRO A 63 -42.59 19.83 -9.64
C PRO A 63 -43.23 19.37 -10.96
N ASP A 64 -43.58 20.32 -11.82
CA ASP A 64 -44.03 20.00 -13.14
C ASP A 64 -42.87 19.62 -14.07
N ILE A 65 -41.71 20.22 -13.83
CA ILE A 65 -40.55 20.00 -14.62
C ILE A 65 -39.40 19.82 -13.68
N ILE A 66 -38.54 18.84 -13.98
CA ILE A 66 -37.33 18.63 -13.22
C ILE A 66 -36.10 18.63 -14.12
N PHE A 67 -35.09 19.36 -13.70
CA PHE A 67 -33.82 19.51 -14.41
C PHE A 67 -32.78 18.73 -13.60
N TRP A 68 -32.08 17.81 -14.26
CA TRP A 68 -30.94 17.08 -13.72
C TRP A 68 -30.14 16.52 -14.91
N ALA A 69 -28.91 16.12 -14.66
CA ALA A 69 -28.19 15.35 -15.66
C ALA A 69 -29.03 14.12 -16.03
N HIS A 70 -28.88 13.69 -17.28
CA HIS A 70 -29.66 12.60 -17.85
C HIS A 70 -29.49 11.24 -17.14
N ASP A 71 -28.44 11.06 -16.37
CA ASP A 71 -28.20 9.75 -15.77
C ASP A 71 -29.32 9.32 -14.84
N ARG A 72 -30.10 10.26 -14.28
CA ARG A 72 -31.11 9.92 -13.27
C ARG A 72 -32.44 9.52 -13.89
N PHE A 73 -32.61 9.87 -15.15
CA PHE A 73 -33.94 9.82 -15.74
C PHE A 73 -34.42 8.44 -16.12
N GLY A 74 -33.53 7.51 -16.47
CA GLY A 74 -33.96 6.13 -16.67
C GLY A 74 -34.69 5.56 -15.47
N GLY A 75 -34.15 5.80 -14.30
CA GLY A 75 -34.80 5.37 -13.08
C GLY A 75 -36.15 6.02 -12.84
N TYR A 76 -36.25 7.31 -13.16
CA TYR A 76 -37.51 7.98 -13.04
C TYR A 76 -38.50 7.37 -14.02
N ALA A 77 -38.05 7.10 -15.24
CA ALA A 77 -38.95 6.59 -16.29
C ALA A 77 -39.40 5.16 -15.99
N GLN A 78 -38.47 4.32 -15.55
CA GLN A 78 -38.79 2.98 -15.07
C GLN A 78 -39.91 3.01 -14.04
N SER A 79 -39.85 3.91 -13.07
CA SER A 79 -40.91 4.04 -12.06
C SER A 79 -42.14 4.81 -12.51
N GLY A 80 -42.26 5.14 -13.79
CA GLY A 80 -43.46 5.80 -14.32
C GLY A 80 -43.63 7.26 -13.94
N LEU A 81 -42.54 7.91 -13.52
CA LEU A 81 -42.63 9.30 -13.05
C LEU A 81 -42.52 10.36 -14.16
N LEU A 82 -42.17 9.98 -15.39
CA LEU A 82 -41.93 10.96 -16.45
C LEU A 82 -42.89 10.82 -17.60
N ALA A 83 -43.33 11.94 -18.19
CA ALA A 83 -44.13 11.90 -19.40
C ALA A 83 -43.22 11.67 -20.59
N GLU A 84 -43.74 10.97 -21.60
CA GLU A 84 -42.98 10.77 -22.83
C GLU A 84 -42.94 12.12 -23.56
N ILE A 85 -41.78 12.42 -24.11
CA ILE A 85 -41.51 13.66 -24.83
C ILE A 85 -41.64 13.29 -26.30
N THR A 86 -42.47 14.02 -27.02
CA THR A 86 -42.69 13.74 -28.43
C THR A 86 -42.73 15.05 -29.23
N PRO A 87 -41.60 15.72 -29.34
CA PRO A 87 -41.55 16.94 -30.13
C PRO A 87 -41.68 16.68 -31.64
N ASP A 88 -42.19 17.66 -32.35
CA ASP A 88 -42.14 17.69 -33.78
C ASP A 88 -40.71 17.46 -34.25
N LYS A 89 -40.56 16.85 -35.44
CA LYS A 89 -39.28 16.74 -36.10
C LYS A 89 -38.62 18.11 -36.30
N ALA A 90 -39.41 19.12 -36.66
CA ALA A 90 -38.89 20.47 -36.81
C ALA A 90 -38.19 20.91 -35.55
N PHE A 91 -38.78 20.63 -34.38
CA PHE A 91 -38.07 20.93 -33.15
C PHE A 91 -36.87 19.99 -32.90
N GLN A 92 -37.01 18.71 -33.16
CA GLN A 92 -35.89 17.80 -32.90
C GLN A 92 -34.64 18.19 -33.65
N ASP A 93 -34.82 18.64 -34.89
CA ASP A 93 -33.72 19.10 -35.77
C ASP A 93 -32.91 20.28 -35.20
N LYS A 94 -33.42 20.97 -34.19
CA LYS A 94 -32.71 22.11 -33.61
C LYS A 94 -31.67 21.72 -32.56
N LEU A 95 -31.69 20.49 -32.10
CA LEU A 95 -30.78 20.02 -31.07
C LEU A 95 -29.87 18.94 -31.65
N TYR A 96 -28.64 18.83 -31.17
CA TYR A 96 -27.72 17.80 -31.66
C TYR A 96 -28.24 16.37 -31.38
N PRO A 97 -28.20 15.50 -32.41
CA PRO A 97 -28.70 14.14 -32.24
C PRO A 97 -28.12 13.39 -31.07
N PHE A 98 -26.83 13.56 -30.79
CA PHE A 98 -26.28 12.87 -29.65
C PHE A 98 -26.90 13.35 -28.32
N THR A 99 -27.48 14.55 -28.28
CA THR A 99 -28.16 14.96 -27.03
C THR A 99 -29.50 14.25 -26.88
N TRP A 100 -30.22 14.04 -27.98
CA TRP A 100 -31.42 13.23 -27.90
C TRP A 100 -31.10 11.79 -27.48
N ASP A 101 -29.96 11.27 -27.92
CA ASP A 101 -29.61 9.91 -27.60
C ASP A 101 -29.55 9.75 -26.10
N ALA A 102 -28.99 10.75 -25.39
CA ALA A 102 -28.81 10.71 -23.94
C ALA A 102 -30.10 10.64 -23.14
N VAL A 103 -31.18 11.14 -23.72
CA VAL A 103 -32.49 11.11 -23.07
C VAL A 103 -33.45 10.09 -23.70
N ARG A 104 -32.92 9.09 -24.40
CA ARG A 104 -33.74 8.06 -25.02
C ARG A 104 -33.65 6.84 -24.14
N TYR A 105 -34.81 6.32 -23.72
CA TYR A 105 -34.85 5.16 -22.84
C TYR A 105 -35.93 4.21 -23.33
N ASN A 106 -35.55 2.96 -23.56
CA ASN A 106 -36.41 1.96 -24.22
C ASN A 106 -37.06 2.51 -25.47
N GLY A 107 -36.24 3.12 -26.31
CA GLY A 107 -36.71 3.76 -27.52
C GLY A 107 -37.59 5.00 -27.38
N LYS A 108 -37.86 5.49 -26.17
CA LYS A 108 -38.69 6.69 -26.01
C LYS A 108 -37.90 7.87 -25.43
N LEU A 109 -38.19 9.07 -25.91
CA LEU A 109 -37.60 10.27 -25.33
C LEU A 109 -38.29 10.56 -24.00
N ILE A 110 -37.51 10.83 -22.97
CA ILE A 110 -38.07 11.04 -21.63
C ILE A 110 -37.68 12.37 -21.00
N ALA A 111 -37.01 13.22 -21.79
CA ALA A 111 -36.64 14.57 -21.38
C ALA A 111 -36.19 15.35 -22.60
N TYR A 112 -36.09 16.66 -22.42
CA TYR A 112 -35.49 17.53 -23.39
C TYR A 112 -34.08 17.73 -22.97
N PRO A 113 -33.10 17.53 -23.86
CA PRO A 113 -31.73 17.87 -23.54
C PRO A 113 -31.47 19.36 -23.52
N ILE A 114 -30.61 19.80 -22.63
CA ILE A 114 -30.34 21.25 -22.50
C ILE A 114 -28.88 21.57 -22.80
N ALA A 115 -27.97 20.92 -22.12
CA ALA A 115 -26.55 21.31 -22.17
C ALA A 115 -25.67 20.14 -21.84
N VAL A 116 -24.48 20.10 -22.43
CA VAL A 116 -23.49 19.06 -22.13
C VAL A 116 -22.49 19.61 -21.15
N GLU A 117 -22.28 18.88 -20.08
CA GLU A 117 -21.45 19.27 -18.97
C GLU A 117 -20.30 18.29 -18.87
N ALA A 118 -19.06 18.78 -18.82
CA ALA A 118 -17.96 17.95 -18.41
C ALA A 118 -17.09 18.76 -17.48
N LEU A 119 -16.47 18.07 -16.54
CA LEU A 119 -15.50 18.66 -15.67
C LEU A 119 -14.21 19.01 -16.42
N SER A 120 -13.56 20.09 -15.98
CA SER A 120 -12.25 20.50 -16.47
C SER A 120 -11.33 20.86 -15.31
N LEU A 121 -10.04 20.97 -15.61
CA LEU A 121 -9.07 21.51 -14.68
C LEU A 121 -9.14 23.03 -14.76
N ILE A 122 -9.28 23.66 -13.60
CA ILE A 122 -9.37 25.10 -13.55
C ILE A 122 -8.14 25.53 -12.78
N TYR A 123 -7.38 26.49 -13.31
CA TYR A 123 -6.08 26.80 -12.70
C TYR A 123 -5.87 28.28 -12.61
N ASN A 124 -5.10 28.67 -11.61
CA ASN A 124 -4.82 30.08 -11.32
C ASN A 124 -3.55 30.47 -12.06
N LYS A 125 -3.67 31.33 -13.07
CA LYS A 125 -2.54 31.67 -13.95
C LYS A 125 -1.43 32.43 -13.24
N ASP A 126 -1.80 33.24 -12.26
CA ASP A 126 -0.80 33.93 -11.43
C ASP A 126 0.03 32.95 -10.59
N LEU A 127 -0.59 31.92 -10.04
CA LEU A 127 0.16 30.93 -9.25
C LEU A 127 0.83 29.87 -10.09
N LEU A 128 0.26 29.59 -11.25
CA LEU A 128 0.66 28.44 -12.00
C LEU A 128 0.41 28.71 -13.50
N PRO A 129 1.30 29.51 -14.12
CA PRO A 129 1.20 29.77 -15.57
C PRO A 129 1.26 28.50 -16.41
N ASN A 130 1.87 27.44 -15.92
CA ASN A 130 1.93 26.17 -16.64
C ASN A 130 1.37 25.03 -15.79
N PRO A 131 0.07 24.75 -15.95
CA PRO A 131 -0.53 23.66 -15.20
C PRO A 131 0.06 22.31 -15.55
N PRO A 132 0.11 21.40 -14.58
CA PRO A 132 0.68 20.09 -14.79
C PRO A 132 -0.14 19.30 -15.78
N LYS A 133 0.55 18.50 -16.56
CA LYS A 133 -0.07 17.64 -17.51
C LYS A 133 -0.43 16.33 -16.89
N THR A 134 0.23 15.96 -15.79
CA THR A 134 0.03 14.65 -15.19
C THR A 134 -0.36 14.77 -13.72
N TRP A 135 -1.18 13.83 -13.28
CA TRP A 135 -1.50 13.71 -11.85
C TRP A 135 -0.23 13.40 -11.05
N GLU A 136 0.62 12.53 -11.60
CA GLU A 136 1.89 12.13 -10.93
C GLU A 136 2.78 13.31 -10.49
N GLU A 137 2.76 14.42 -11.24
CA GLU A 137 3.44 15.68 -10.91
C GLU A 137 2.89 16.41 -9.72
N ILE A 138 1.66 16.11 -9.32
CA ILE A 138 0.99 16.99 -8.40
C ILE A 138 1.59 16.99 -7.02
N PRO A 139 2.01 15.83 -6.49
CA PRO A 139 2.63 15.91 -5.15
C PRO A 139 3.87 16.86 -5.05
N ALA A 140 4.81 16.78 -5.99
CA ALA A 140 5.98 17.67 -5.97
C ALA A 140 5.55 19.11 -6.10
N LEU A 141 4.55 19.34 -6.92
CA LEU A 141 4.04 20.69 -7.09
C LEU A 141 3.41 21.22 -5.79
N ASP A 142 2.80 20.33 -5.03
CA ASP A 142 2.19 20.73 -3.76
C ASP A 142 3.27 21.07 -2.72
N LYS A 143 4.37 20.31 -2.70
CA LYS A 143 5.51 20.69 -1.83
C LYS A 143 5.97 22.10 -2.15
N GLU A 144 6.28 22.39 -3.40
CA GLU A 144 6.68 23.75 -3.80
C GLU A 144 5.68 24.83 -3.36
N LEU A 145 4.38 24.59 -3.50
CA LEU A 145 3.38 25.64 -3.22
C LEU A 145 3.09 25.79 -1.73
N LYS A 146 3.22 24.71 -1.00
CA LYS A 146 3.07 24.73 0.46
C LYS A 146 4.14 25.63 1.11
N ALA A 147 5.33 25.69 0.51
CA ALA A 147 6.40 26.55 0.97
C ALA A 147 6.05 28.03 0.83
N LYS A 148 5.03 28.34 0.04
CA LYS A 148 4.56 29.72 -0.10
C LYS A 148 3.16 29.92 0.49
N GLY A 149 2.74 29.01 1.36
CA GLY A 149 1.43 29.11 1.99
C GLY A 149 0.23 28.77 1.11
N LYS A 150 0.46 28.07 0.00
CA LYS A 150 -0.63 27.69 -0.91
C LYS A 150 -0.68 26.18 -1.09
N SER A 151 -1.70 25.72 -1.79
CA SER A 151 -1.79 24.30 -2.13
C SER A 151 -1.90 24.19 -3.64
N ALA A 152 -1.59 23.01 -4.15
CA ALA A 152 -1.72 22.76 -5.60
C ALA A 152 -3.15 22.59 -6.07
N LEU A 153 -3.88 21.72 -5.39
CA LEU A 153 -5.16 21.26 -5.89
C LEU A 153 -6.18 21.06 -4.78
N MET A 154 -7.32 21.71 -4.90
CA MET A 154 -8.42 21.36 -4.06
C MET A 154 -9.67 21.16 -4.89
N PHE A 155 -10.32 20.04 -4.69
CA PHE A 155 -11.62 19.84 -5.34
C PHE A 155 -12.51 18.99 -4.48
N ASN A 156 -13.79 18.97 -4.83
CA ASN A 156 -14.78 18.22 -4.05
C ASN A 156 -14.53 16.69 -3.99
N LEU A 157 -14.13 16.16 -2.86
CA LEU A 157 -13.93 14.69 -2.71
C LEU A 157 -15.15 13.93 -2.24
N GLN A 158 -16.22 14.61 -1.84
CA GLN A 158 -17.35 13.98 -1.21
C GLN A 158 -18.29 13.39 -2.23
N GLU A 159 -18.24 13.88 -3.47
CA GLU A 159 -19.14 13.44 -4.50
C GLU A 159 -18.34 12.68 -5.57
N PRO A 160 -18.70 11.43 -5.83
CA PRO A 160 -17.91 10.61 -6.76
C PRO A 160 -17.85 11.13 -8.21
N TYR A 161 -18.77 12.01 -8.61
CA TYR A 161 -18.65 12.71 -9.90
C TYR A 161 -17.25 13.29 -10.09
N PHE A 162 -16.69 13.87 -9.02
CA PHE A 162 -15.43 14.58 -9.09
C PHE A 162 -14.19 13.69 -9.05
N THR A 163 -14.31 12.54 -8.38
CA THR A 163 -13.18 11.63 -8.24
C THR A 163 -13.22 10.57 -9.35
N TRP A 164 -14.38 10.33 -9.94
CA TRP A 164 -14.50 9.31 -10.95
C TRP A 164 -13.51 9.48 -12.14
N PRO A 165 -13.29 10.70 -12.64
CA PRO A 165 -12.44 10.87 -13.81
C PRO A 165 -11.05 10.23 -13.62
N LEU A 166 -10.52 10.29 -12.40
CA LEU A 166 -9.23 9.72 -12.09
C LEU A 166 -9.30 8.22 -11.87
N ILE A 167 -10.38 7.77 -11.25
CA ILE A 167 -10.63 6.37 -11.03
C ILE A 167 -10.86 5.64 -12.36
N ALA A 168 -11.44 6.34 -13.34
CA ALA A 168 -11.68 5.74 -14.64
C ALA A 168 -10.46 5.75 -15.53
N ALA A 169 -9.53 6.66 -15.28
CA ALA A 169 -8.50 6.98 -16.26
C ALA A 169 -7.78 5.76 -16.79
N ASP A 170 -7.40 4.88 -15.88
CA ASP A 170 -6.57 3.68 -16.17
C ASP A 170 -7.36 2.39 -16.24
N GLY A 171 -8.67 2.43 -16.43
CA GLY A 171 -9.41 1.21 -16.68
C GLY A 171 -10.75 1.08 -16.01
N GLY A 172 -11.01 1.86 -14.95
CA GLY A 172 -12.32 1.79 -14.26
C GLY A 172 -13.48 2.10 -15.19
N TYR A 173 -14.59 1.42 -15.04
CA TYR A 173 -15.80 1.76 -15.82
C TYR A 173 -17.02 1.37 -15.01
N ALA A 174 -18.18 1.84 -15.41
CA ALA A 174 -19.37 1.53 -14.65
C ALA A 174 -19.98 0.26 -15.16
N PHE A 175 -20.55 0.33 -16.34
CA PHE A 175 -21.16 -0.83 -17.00
C PHE A 175 -20.56 -1.03 -18.40
N LYS A 176 -20.14 -2.25 -18.72
CA LYS A 176 -19.71 -2.52 -20.09
C LYS A 176 -20.88 -2.33 -21.06
N TYR A 177 -20.62 -1.62 -22.14
CA TYR A 177 -21.54 -1.46 -23.23
C TYR A 177 -21.09 -2.43 -24.32
N GLU A 178 -22.02 -3.16 -24.93
CA GLU A 178 -21.71 -4.14 -25.97
C GLU A 178 -22.99 -4.47 -26.73
N ASN A 179 -22.91 -4.40 -28.06
CA ASN A 179 -24.05 -4.69 -28.95
C ASN A 179 -25.29 -3.86 -28.59
N GLY A 180 -25.12 -2.55 -28.55
CA GLY A 180 -26.22 -1.59 -28.35
C GLY A 180 -26.79 -1.47 -26.94
N LYS A 181 -26.29 -2.29 -26.01
CA LYS A 181 -26.88 -2.43 -24.68
C LYS A 181 -25.80 -2.39 -23.60
N TYR A 182 -26.22 -2.05 -22.38
CA TYR A 182 -25.41 -2.11 -21.18
C TYR A 182 -25.63 -3.45 -20.48
N ASP A 183 -24.54 -4.16 -20.17
CA ASP A 183 -24.59 -5.37 -19.34
C ASP A 183 -24.47 -4.95 -17.90
N ILE A 184 -25.58 -5.01 -17.18
CA ILE A 184 -25.61 -4.50 -15.82
C ILE A 184 -24.89 -5.42 -14.85
N LYS A 185 -24.45 -6.58 -15.34
CA LYS A 185 -23.71 -7.49 -14.49
C LYS A 185 -22.21 -7.30 -14.63
N ASP A 186 -21.81 -6.59 -15.68
CA ASP A 186 -20.40 -6.33 -15.98
C ASP A 186 -20.00 -4.93 -15.51
N VAL A 187 -19.64 -4.87 -14.24
CA VAL A 187 -19.37 -3.63 -13.54
C VAL A 187 -17.85 -3.49 -13.36
N GLY A 188 -17.32 -2.29 -13.57
CA GLY A 188 -15.88 -2.14 -13.64
C GLY A 188 -15.23 -1.37 -12.53
N VAL A 189 -15.79 -1.42 -11.34
CA VAL A 189 -15.32 -0.53 -10.26
C VAL A 189 -14.24 -1.19 -9.42
N ASP A 190 -13.99 -2.47 -9.68
CA ASP A 190 -13.14 -3.30 -8.86
C ASP A 190 -11.95 -3.85 -9.66
N ASN A 191 -11.62 -3.24 -10.78
CA ASN A 191 -10.52 -3.78 -11.57
C ASN A 191 -9.22 -3.05 -11.25
N ALA A 192 -8.15 -3.39 -11.97
CA ALA A 192 -6.83 -2.87 -11.65
C ALA A 192 -6.75 -1.37 -11.85
N GLY A 193 -7.47 -0.89 -12.87
CA GLY A 193 -7.47 0.52 -13.23
C GLY A 193 -8.12 1.39 -12.15
N ALA A 194 -9.31 0.99 -11.73
CA ALA A 194 -10.00 1.62 -10.61
C ALA A 194 -9.15 1.65 -9.35
N LYS A 195 -8.54 0.50 -9.01
CA LYS A 195 -7.70 0.40 -7.83
C LYS A 195 -6.52 1.32 -7.87
N ALA A 196 -5.86 1.39 -9.02
CA ALA A 196 -4.70 2.25 -9.16
C ALA A 196 -5.13 3.71 -9.02
N GLY A 197 -6.22 4.10 -9.67
CA GLY A 197 -6.73 5.46 -9.55
C GLY A 197 -7.14 5.88 -8.13
N LEU A 198 -7.88 5.01 -7.46
CA LEU A 198 -8.30 5.33 -6.10
C LEU A 198 -7.12 5.32 -5.12
N THR A 199 -6.18 4.41 -5.34
CA THR A 199 -4.93 4.38 -4.56
C THR A 199 -4.14 5.66 -4.70
N PHE A 200 -4.05 6.18 -5.92
CA PHE A 200 -3.41 7.47 -6.10
C PHE A 200 -4.12 8.58 -5.29
N LEU A 201 -5.43 8.64 -5.36
CA LEU A 201 -6.20 9.68 -4.65
C LEU A 201 -6.02 9.58 -3.16
N VAL A 202 -6.06 8.36 -2.66
CA VAL A 202 -5.89 8.13 -1.23
C VAL A 202 -4.48 8.52 -0.77
N ASP A 203 -3.48 8.25 -1.60
CA ASP A 203 -2.10 8.58 -1.22
C ASP A 203 -1.90 10.08 -1.20
N LEU A 204 -2.55 10.80 -2.12
CA LEU A 204 -2.56 12.26 -2.03
C LEU A 204 -3.07 12.76 -0.69
N ILE A 205 -4.08 12.10 -0.17
CA ILE A 205 -4.60 12.41 1.17
C ILE A 205 -3.65 11.98 2.27
N LYS A 206 -3.16 10.74 2.22
CA LYS A 206 -2.24 10.30 3.26
C LYS A 206 -1.01 11.19 3.33
N ASN A 207 -0.49 11.64 2.18
CA ASN A 207 0.68 12.51 2.16
C ASN A 207 0.38 13.99 2.32
N LYS A 208 -0.85 14.31 2.74
CA LYS A 208 -1.26 15.66 3.10
C LYS A 208 -1.23 16.66 1.95
N HIS A 209 -1.35 16.18 0.73
CA HIS A 209 -1.55 17.09 -0.38
C HIS A 209 -3.01 17.45 -0.57
N MET A 210 -3.93 16.64 -0.01
CA MET A 210 -5.37 16.99 0.03
C MET A 210 -5.94 16.48 1.36
N ASN A 211 -7.09 17.02 1.73
CA ASN A 211 -7.80 16.60 2.92
C ASN A 211 -9.05 15.83 2.58
N ALA A 212 -9.29 14.76 3.32
CA ALA A 212 -10.45 13.91 3.07
C ALA A 212 -11.78 14.63 3.15
N ASP A 213 -11.85 15.74 3.88
CA ASP A 213 -13.12 16.41 4.15
C ASP A 213 -13.44 17.51 3.15
N THR A 214 -12.56 17.74 2.19
CA THR A 214 -12.80 18.77 1.20
C THR A 214 -14.06 18.46 0.41
N ASP A 215 -14.96 19.46 0.38
CA ASP A 215 -16.22 19.35 -0.29
C ASP A 215 -16.39 20.51 -1.27
N TYR A 216 -17.57 20.67 -1.83
CA TYR A 216 -17.75 21.65 -2.90
C TYR A 216 -17.41 23.06 -2.43
N SER A 217 -18.02 23.53 -1.35
CA SER A 217 -17.89 24.94 -0.97
C SER A 217 -16.49 25.24 -0.48
N ILE A 218 -15.85 24.29 0.19
CA ILE A 218 -14.47 24.49 0.65
C ILE A 218 -13.51 24.68 -0.52
N ALA A 219 -13.67 23.86 -1.58
CA ALA A 219 -12.73 23.94 -2.67
C ALA A 219 -13.01 25.20 -3.50
N GLU A 220 -14.29 25.54 -3.65
CA GLU A 220 -14.65 26.74 -4.40
C GLU A 220 -14.08 27.98 -3.70
N ALA A 221 -14.29 28.08 -2.39
CA ALA A 221 -13.79 29.23 -1.65
C ALA A 221 -12.24 29.33 -1.71
N ALA A 222 -11.55 28.21 -1.61
CA ALA A 222 -10.10 28.22 -1.64
C ALA A 222 -9.60 28.69 -3.01
N PHE A 223 -10.22 28.20 -4.09
CA PHE A 223 -9.75 28.61 -5.41
C PHE A 223 -10.07 30.08 -5.63
N ASN A 224 -11.30 30.47 -5.29
CA ASN A 224 -11.74 31.81 -5.62
C ASN A 224 -11.10 32.89 -4.74
N LYS A 225 -10.45 32.46 -3.65
CA LYS A 225 -9.63 33.38 -2.86
C LYS A 225 -8.12 33.27 -3.13
N GLY A 226 -7.71 32.52 -4.13
CA GLY A 226 -6.30 32.44 -4.45
C GLY A 226 -5.49 31.58 -3.50
N GLU A 227 -6.14 30.72 -2.74
CA GLU A 227 -5.41 29.85 -1.78
C GLU A 227 -4.89 28.55 -2.40
N THR A 228 -5.46 28.15 -3.52
CA THR A 228 -5.02 26.92 -4.19
C THR A 228 -4.84 27.20 -5.67
N ALA A 229 -3.88 26.55 -6.31
CA ALA A 229 -3.57 26.85 -7.71
C ALA A 229 -4.56 26.24 -8.70
N MET A 230 -5.18 25.13 -8.30
CA MET A 230 -6.05 24.35 -9.17
C MET A 230 -7.30 23.83 -8.47
N THR A 231 -8.36 23.69 -9.24
CA THR A 231 -9.53 22.93 -8.81
C THR A 231 -10.09 22.17 -10.04
N ILE A 232 -11.16 21.42 -9.83
CA ILE A 232 -11.84 20.61 -10.88
C ILE A 232 -13.29 20.90 -10.72
N ASN A 233 -13.89 21.44 -11.76
CA ASN A 233 -15.26 21.82 -11.70
C ASN A 233 -15.79 21.96 -13.09
N GLY A 234 -17.10 22.10 -13.15
CA GLY A 234 -17.80 22.27 -14.42
C GLY A 234 -18.09 23.72 -14.75
N PRO A 235 -18.74 23.97 -15.89
CA PRO A 235 -18.93 25.34 -16.36
C PRO A 235 -19.75 26.26 -15.46
N TRP A 236 -20.65 25.67 -14.70
CA TRP A 236 -21.49 26.42 -13.79
C TRP A 236 -20.65 27.22 -12.81
N ALA A 237 -19.43 26.78 -12.55
CA ALA A 237 -18.56 27.42 -11.60
C ALA A 237 -17.77 28.62 -12.10
N TRP A 238 -17.81 28.88 -13.41
CA TRP A 238 -17.01 29.95 -13.96
C TRP A 238 -17.48 31.33 -13.50
N SER A 239 -18.78 31.49 -13.34
CA SER A 239 -19.41 32.75 -12.95
C SER A 239 -18.87 33.29 -11.59
N ASN A 240 -18.81 32.45 -10.55
CA ASN A 240 -18.24 32.90 -9.26
C ASN A 240 -16.70 33.12 -9.35
N ILE A 241 -16.04 32.46 -10.29
CA ILE A 241 -14.62 32.72 -10.50
C ILE A 241 -14.39 34.09 -11.16
N ASP A 242 -15.21 34.41 -12.16
CA ASP A 242 -15.22 35.74 -12.79
C ASP A 242 -15.32 36.82 -11.71
N THR A 243 -16.43 36.84 -10.97
CA THR A 243 -16.65 37.77 -9.84
C THR A 243 -15.45 37.88 -8.89
N SER A 244 -14.76 36.77 -8.66
CA SER A 244 -13.64 36.77 -7.73
C SER A 244 -12.37 37.42 -8.31
N LYS A 245 -12.35 37.65 -9.63
CA LYS A 245 -11.20 38.26 -10.30
C LYS A 245 -9.93 37.40 -10.34
N VAL A 246 -9.97 36.17 -9.85
CA VAL A 246 -8.81 35.32 -10.02
C VAL A 246 -8.56 35.22 -11.51
N ASN A 247 -7.30 35.25 -11.91
CA ASN A 247 -6.94 35.11 -13.29
C ASN A 247 -6.79 33.61 -13.65
N TYR A 248 -7.81 33.05 -14.28
CA TYR A 248 -7.95 31.61 -14.38
C TYR A 248 -7.97 31.11 -15.80
N GLY A 249 -7.50 29.88 -15.96
CA GLY A 249 -7.62 29.14 -17.19
C GLY A 249 -8.40 27.84 -16.98
N VAL A 250 -9.03 27.36 -18.06
CA VAL A 250 -9.76 26.12 -18.05
C VAL A 250 -9.09 25.20 -19.06
N THR A 251 -8.68 24.02 -18.61
CA THR A 251 -7.89 23.15 -19.47
C THR A 251 -8.23 21.67 -19.30
N VAL A 252 -7.59 20.86 -20.14
CA VAL A 252 -7.70 19.43 -20.09
C VAL A 252 -7.22 18.93 -18.75
N LEU A 253 -7.89 17.91 -18.23
CA LEU A 253 -7.52 17.34 -16.94
C LEU A 253 -6.18 16.63 -17.05
N PRO A 254 -5.50 16.44 -15.92
CA PRO A 254 -4.24 15.72 -15.97
C PRO A 254 -4.40 14.25 -16.33
N THR A 255 -3.33 13.65 -16.89
CA THR A 255 -3.32 12.27 -17.27
C THR A 255 -2.95 11.45 -16.07
N PHE A 256 -3.31 10.17 -16.07
CA PHE A 256 -2.85 9.26 -15.05
C PHE A 256 -2.39 7.98 -15.73
N LYS A 257 -1.16 7.57 -15.40
CA LYS A 257 -0.47 6.49 -16.10
C LYS A 257 -0.55 6.63 -17.63
N GLY A 258 -0.40 7.87 -18.07
CA GLY A 258 -0.49 8.24 -19.44
C GLY A 258 -1.89 8.27 -20.02
N GLN A 259 -2.91 7.89 -19.27
CA GLN A 259 -4.26 7.93 -19.85
C GLN A 259 -4.95 9.24 -19.46
N PRO A 260 -5.81 9.76 -20.32
CA PRO A 260 -6.66 10.89 -19.92
C PRO A 260 -7.51 10.56 -18.70
N SER A 261 -7.78 11.58 -17.86
CA SER A 261 -8.85 11.47 -16.86
C SER A 261 -10.10 11.40 -17.72
N LYS A 262 -11.06 10.60 -17.29
CA LYS A 262 -12.23 10.32 -18.08
C LYS A 262 -13.51 10.69 -17.34
N PRO A 263 -13.92 11.97 -17.45
CA PRO A 263 -15.07 12.37 -16.69
C PRO A 263 -16.32 11.70 -17.22
N PHE A 264 -17.22 11.34 -16.32
CA PHE A 264 -18.57 10.97 -16.77
C PHE A 264 -19.25 12.25 -17.19
N VAL A 265 -19.74 12.26 -18.43
CA VAL A 265 -20.29 13.43 -19.03
C VAL A 265 -21.83 13.43 -18.84
N GLY A 266 -22.34 14.54 -18.32
CA GLY A 266 -23.77 14.71 -18.16
C GLY A 266 -24.36 15.66 -19.18
N VAL A 267 -25.59 15.38 -19.59
CA VAL A 267 -26.38 16.22 -20.41
C VAL A 267 -27.51 16.71 -19.47
N LEU A 268 -27.46 17.98 -19.12
CA LEU A 268 -28.48 18.57 -18.28
C LEU A 268 -29.75 18.45 -19.08
N SER A 269 -30.80 17.92 -18.45
CA SER A 269 -32.02 17.58 -19.15
C SER A 269 -33.23 18.02 -18.33
N ALA A 270 -34.34 18.22 -19.01
CA ALA A 270 -35.57 18.69 -18.38
C ALA A 270 -36.68 17.69 -18.66
N GLY A 271 -37.16 17.04 -17.59
CA GLY A 271 -38.24 16.13 -17.68
C GLY A 271 -39.55 16.67 -17.17
N ILE A 272 -40.62 16.16 -17.72
CA ILE A 272 -41.98 16.53 -17.34
C ILE A 272 -42.58 15.44 -16.45
N ASN A 273 -43.05 15.85 -15.28
CA ASN A 273 -43.71 14.99 -14.30
C ASN A 273 -44.92 14.32 -14.94
N ALA A 274 -44.95 12.99 -14.92
CA ALA A 274 -46.09 12.25 -15.45
C ALA A 274 -47.39 12.64 -14.73
N ALA A 275 -47.31 13.08 -13.47
CA ALA A 275 -48.53 13.43 -12.73
C ALA A 275 -48.93 14.89 -12.88
N SER A 276 -48.14 15.69 -13.62
CA SER A 276 -48.47 17.09 -13.79
C SER A 276 -49.75 17.30 -14.57
N PRO A 277 -50.65 18.14 -14.04
CA PRO A 277 -51.80 18.55 -14.82
C PRO A 277 -51.46 19.68 -15.79
N ASN A 278 -50.18 19.99 -15.96
CA ASN A 278 -49.74 21.13 -16.77
C ASN A 278 -48.74 20.74 -17.85
N LYS A 279 -48.89 19.53 -18.38
CA LYS A 279 -47.92 19.00 -19.35
C LYS A 279 -47.78 19.86 -20.57
N GLU A 280 -48.89 20.35 -21.09
CA GLU A 280 -48.83 21.12 -22.34
C GLU A 280 -48.17 22.46 -22.11
N LEU A 281 -48.45 23.11 -20.99
CA LEU A 281 -47.76 24.32 -20.62
C LEU A 281 -46.25 24.07 -20.47
N ALA A 282 -45.89 22.94 -19.87
CA ALA A 282 -44.50 22.62 -19.64
C ALA A 282 -43.77 22.44 -20.95
N LYS A 283 -44.47 21.85 -21.90
CA LYS A 283 -43.89 21.57 -23.18
C LYS A 283 -43.75 22.87 -23.96
N GLU A 284 -44.77 23.70 -23.88
CA GLU A 284 -44.71 25.05 -24.47
C GLU A 284 -43.52 25.85 -23.91
N PHE A 285 -43.34 25.81 -22.60
CA PHE A 285 -42.27 26.58 -21.98
C PHE A 285 -40.91 26.08 -22.47
N LEU A 286 -40.71 24.77 -22.46
CA LEU A 286 -39.40 24.26 -22.75
C LEU A 286 -39.00 24.46 -24.18
N GLU A 287 -39.95 24.25 -25.10
CA GLU A 287 -39.63 24.22 -26.53
C GLU A 287 -39.62 25.65 -27.11
N ASN A 288 -40.50 26.49 -26.61
CA ASN A 288 -40.70 27.81 -27.22
C ASN A 288 -40.11 28.97 -26.45
N TYR A 289 -39.76 28.75 -25.19
CA TYR A 289 -39.10 29.81 -24.41
C TYR A 289 -37.69 29.45 -23.99
N LEU A 290 -37.49 28.30 -23.34
CA LEU A 290 -36.16 27.98 -22.87
C LEU A 290 -35.25 27.57 -24.00
N LEU A 291 -35.64 26.64 -24.86
CA LEU A 291 -34.68 26.10 -25.83
C LEU A 291 -34.64 26.98 -27.10
N THR A 292 -34.39 28.27 -26.88
CA THR A 292 -34.25 29.30 -27.90
C THR A 292 -32.96 30.00 -27.57
N ASP A 293 -32.46 30.78 -28.51
CA ASP A 293 -31.22 31.52 -28.31
C ASP A 293 -31.36 32.46 -27.11
N GLU A 294 -32.49 33.14 -27.03
CA GLU A 294 -32.75 34.11 -25.97
C GLU A 294 -32.90 33.39 -24.63
N GLY A 295 -33.60 32.27 -24.63
CA GLY A 295 -33.83 31.51 -23.40
C GLY A 295 -32.56 31.00 -22.76
N LEU A 296 -31.73 30.34 -23.57
CA LEU A 296 -30.53 29.75 -23.07
C LEU A 296 -29.50 30.81 -22.70
N GLU A 297 -29.49 31.92 -23.43
CA GLU A 297 -28.60 33.01 -23.09
C GLU A 297 -28.90 33.58 -21.71
N ALA A 298 -30.18 33.70 -21.35
CA ALA A 298 -30.54 34.20 -20.05
C ALA A 298 -30.09 33.24 -18.95
N VAL A 299 -30.20 31.94 -19.18
CA VAL A 299 -29.72 30.98 -18.16
C VAL A 299 -28.20 31.00 -18.12
N ASN A 300 -27.58 31.01 -19.29
CA ASN A 300 -26.13 30.93 -19.38
C ASN A 300 -25.42 32.15 -18.79
N LYS A 301 -26.03 33.33 -18.89
CA LYS A 301 -25.48 34.55 -18.27
C LYS A 301 -25.50 34.51 -16.75
N ASP A 302 -26.46 33.80 -16.18
CA ASP A 302 -26.48 33.59 -14.76
C ASP A 302 -25.37 32.60 -14.39
N LYS A 303 -25.48 31.34 -14.82
CA LYS A 303 -24.38 30.37 -14.63
C LYS A 303 -24.17 29.62 -15.97
N PRO A 304 -22.94 29.56 -16.45
CA PRO A 304 -22.75 28.89 -17.74
C PRO A 304 -23.27 27.47 -17.80
N LEU A 305 -23.91 27.15 -18.91
CA LEU A 305 -24.52 25.86 -19.13
C LEU A 305 -23.55 24.81 -19.62
N GLY A 306 -22.50 25.25 -20.26
CA GLY A 306 -21.58 24.38 -20.96
C GLY A 306 -21.87 24.46 -22.43
N ALA A 307 -21.66 23.32 -23.09
CA ALA A 307 -21.91 23.21 -24.53
C ALA A 307 -23.40 22.90 -24.73
N VAL A 308 -24.16 23.88 -25.20
CA VAL A 308 -25.61 23.72 -25.24
C VAL A 308 -26.07 22.83 -26.38
N ALA A 309 -27.23 22.23 -26.17
CA ALA A 309 -27.76 21.26 -27.09
C ALA A 309 -28.38 21.95 -28.28
N LEU A 310 -28.74 23.21 -28.14
CA LEU A 310 -29.33 23.96 -29.24
C LEU A 310 -28.24 24.37 -30.22
N LYS A 311 -28.31 23.84 -31.43
CA LYS A 311 -27.25 24.05 -32.46
C LYS A 311 -27.01 25.52 -32.73
N SER A 312 -28.09 26.27 -32.92
CA SER A 312 -27.94 27.69 -33.25
C SER A 312 -27.16 28.48 -32.20
N TYR A 313 -27.27 28.12 -30.91
CA TYR A 313 -26.60 28.88 -29.87
C TYR A 313 -25.23 28.30 -29.57
N GLU A 314 -25.08 26.98 -29.63
CA GLU A 314 -23.80 26.33 -29.45
C GLU A 314 -22.76 26.82 -30.45
N GLU A 315 -23.18 27.25 -31.64
CA GLU A 315 -22.22 27.75 -32.62
C GLU A 315 -21.55 29.02 -32.13
N GLU A 316 -22.29 29.91 -31.47
CA GLU A 316 -21.70 31.05 -30.77
C GLU A 316 -20.81 30.67 -29.57
N LEU A 317 -21.29 29.77 -28.71
CA LEU A 317 -20.54 29.43 -27.48
C LEU A 317 -19.27 28.66 -27.74
N ALA A 318 -19.24 27.91 -28.84
CA ALA A 318 -18.06 27.08 -29.17
C ALA A 318 -16.79 27.91 -29.47
N LYS A 319 -16.93 29.18 -29.76
CA LYS A 319 -15.79 30.08 -29.87
C LYS A 319 -15.04 30.32 -28.55
N ASP A 320 -15.69 30.07 -27.42
CA ASP A 320 -15.11 30.30 -26.10
C ASP A 320 -14.12 29.19 -25.78
N PRO A 321 -12.85 29.54 -25.50
CA PRO A 321 -11.88 28.49 -25.28
C PRO A 321 -12.16 27.63 -24.05
N ARG A 322 -12.91 28.17 -23.07
CA ARG A 322 -13.35 27.37 -21.91
C ARG A 322 -14.31 26.23 -22.38
N ILE A 323 -15.15 26.53 -23.36
CA ILE A 323 -16.04 25.55 -23.91
C ILE A 323 -15.27 24.56 -24.80
N ALA A 324 -14.23 25.00 -25.50
CA ALA A 324 -13.41 24.03 -26.22
C ALA A 324 -12.76 23.04 -25.25
N ALA A 325 -12.28 23.52 -24.12
CA ALA A 325 -11.69 22.62 -23.12
C ALA A 325 -12.75 21.67 -22.52
N THR A 326 -13.93 22.20 -22.27
CA THR A 326 -15.03 21.39 -21.80
C THR A 326 -15.23 20.21 -22.76
N MET A 327 -15.26 20.50 -24.04
CA MET A 327 -15.55 19.48 -25.05
C MET A 327 -14.37 18.56 -25.23
N GLU A 328 -13.16 19.09 -25.12
CA GLU A 328 -11.97 18.27 -25.06
C GLU A 328 -12.02 17.22 -23.95
N ASN A 329 -12.39 17.65 -22.73
CA ASN A 329 -12.54 16.72 -21.60
C ASN A 329 -13.72 15.82 -21.83
N ALA A 330 -14.78 16.32 -22.43
CA ALA A 330 -15.96 15.46 -22.65
C ALA A 330 -15.62 14.28 -23.61
N GLN A 331 -14.91 14.60 -24.67
CA GLN A 331 -14.52 13.56 -25.64
C GLN A 331 -13.66 12.48 -24.98
N LYS A 332 -12.76 12.89 -24.10
CA LYS A 332 -11.89 11.95 -23.42
C LYS A 332 -12.59 11.03 -22.41
N GLY A 333 -13.64 11.54 -21.78
CA GLY A 333 -14.46 10.77 -20.87
C GLY A 333 -15.59 10.19 -21.69
N GLU A 334 -16.77 10.03 -21.11
CA GLU A 334 -17.90 9.54 -21.89
C GLU A 334 -19.25 9.89 -21.26
N ILE A 335 -20.26 9.86 -22.10
CA ILE A 335 -21.63 10.16 -21.74
C ILE A 335 -22.14 9.08 -20.80
N MET A 336 -22.69 9.49 -19.67
CA MET A 336 -23.18 8.54 -18.70
C MET A 336 -24.30 7.74 -19.34
N PRO A 337 -24.44 6.49 -18.90
CA PRO A 337 -25.67 5.75 -19.19
C PRO A 337 -26.84 6.43 -18.51
N ASN A 338 -28.06 6.20 -19.01
CA ASN A 338 -29.23 6.67 -18.26
C ASN A 338 -30.02 5.58 -17.54
N ILE A 339 -29.46 4.38 -17.49
CA ILE A 339 -30.18 3.22 -17.00
C ILE A 339 -30.43 3.30 -15.51
N PRO A 340 -31.49 2.60 -15.03
CA PRO A 340 -31.93 2.68 -13.63
C PRO A 340 -30.84 2.34 -12.64
N GLN A 341 -29.91 1.49 -13.07
CA GLN A 341 -28.85 1.04 -12.16
C GLN A 341 -27.78 2.11 -11.85
N MET A 342 -27.81 3.27 -12.50
CA MET A 342 -26.83 4.33 -12.22
C MET A 342 -26.85 4.85 -10.79
N SER A 343 -28.02 5.00 -10.21
CA SER A 343 -28.13 5.39 -8.78
C SER A 343 -27.33 4.49 -7.84
N ALA A 344 -27.48 3.20 -8.05
CA ALA A 344 -26.77 2.21 -7.24
C ALA A 344 -25.28 2.30 -7.52
N PHE A 345 -24.89 2.49 -8.79
CA PHE A 345 -23.49 2.69 -9.11
C PHE A 345 -22.91 3.87 -8.34
N TRP A 346 -23.59 5.02 -8.40
CA TRP A 346 -23.10 6.19 -7.72
C TRP A 346 -23.02 6.06 -6.18
N TYR A 347 -24.06 5.57 -5.51
N TYR A 347 -24.08 5.54 -5.55
CA TYR A 347 -23.95 5.37 -4.05
CA TYR A 347 -24.05 5.24 -4.09
C TYR A 347 -22.82 4.38 -3.71
C TYR A 347 -22.83 4.41 -3.74
N ALA A 348 -22.60 3.39 -4.57
CA ALA A 348 -21.52 2.46 -4.37
C ALA A 348 -20.14 3.10 -4.41
N VAL A 349 -19.91 3.94 -5.41
CA VAL A 349 -18.64 4.61 -5.57
C VAL A 349 -18.46 5.67 -4.51
N ARG A 350 -19.53 6.39 -4.19
CA ARG A 350 -19.48 7.38 -3.10
C ARG A 350 -19.04 6.72 -1.79
N THR A 351 -19.65 5.61 -1.46
CA THR A 351 -19.26 4.92 -0.20
C THR A 351 -17.79 4.49 -0.24
N ALA A 352 -17.37 3.91 -1.36
CA ALA A 352 -16.00 3.45 -1.52
C ALA A 352 -14.97 4.53 -1.34
N VAL A 353 -15.13 5.66 -2.02
CA VAL A 353 -14.15 6.73 -1.88
C VAL A 353 -14.10 7.29 -0.46
N ILE A 354 -15.25 7.60 0.13
CA ILE A 354 -15.24 8.10 1.49
C ILE A 354 -14.58 7.08 2.41
N ASN A 355 -14.91 5.82 2.25
CA ASN A 355 -14.30 4.82 3.16
C ASN A 355 -12.79 4.67 2.97
N ALA A 356 -12.35 4.54 1.74
CA ALA A 356 -10.91 4.42 1.49
C ALA A 356 -10.19 5.70 1.86
N ALA A 357 -10.70 6.86 1.46
CA ALA A 357 -10.07 8.14 1.83
C ALA A 357 -9.94 8.36 3.33
N SER A 358 -10.93 7.94 4.10
CA SER A 358 -10.91 8.15 5.55
C SER A 358 -10.16 7.07 6.31
N GLY A 359 -9.77 5.99 5.63
CA GLY A 359 -9.11 4.85 6.31
C GLY A 359 -10.02 3.84 7.00
N ARG A 360 -11.33 3.96 6.86
CA ARG A 360 -12.23 2.91 7.32
C ARG A 360 -11.98 1.58 6.63
N GLN A 361 -11.70 1.61 5.33
CA GLN A 361 -11.35 0.41 4.63
C GLN A 361 -10.13 0.66 3.78
N THR A 362 -9.46 -0.41 3.43
CA THR A 362 -8.42 -0.35 2.43
C THR A 362 -9.05 -0.09 1.08
N VAL A 363 -8.25 0.35 0.13
CA VAL A 363 -8.73 0.54 -1.23
C VAL A 363 -9.31 -0.76 -1.79
N ASP A 364 -8.63 -1.89 -1.62
CA ASP A 364 -9.17 -3.17 -2.10
C ASP A 364 -10.52 -3.58 -1.49
N GLU A 365 -10.67 -3.42 -0.17
CA GLU A 365 -11.94 -3.73 0.50
C GLU A 365 -13.06 -2.77 0.03
N ALA A 366 -12.74 -1.49 -0.06
CA ALA A 366 -13.71 -0.48 -0.52
C ALA A 366 -14.30 -0.83 -1.87
N LEU A 367 -13.42 -1.12 -2.84
CA LEU A 367 -13.86 -1.34 -4.21
C LEU A 367 -14.49 -2.69 -4.38
N LYS A 368 -14.16 -3.63 -3.50
CA LYS A 368 -14.77 -4.94 -3.55
C LYS A 368 -16.22 -4.81 -3.14
N ASP A 369 -16.49 -4.11 -2.05
CA ASP A 369 -17.87 -3.78 -1.69
C ASP A 369 -18.59 -2.93 -2.73
N ALA A 370 -17.87 -2.01 -3.38
CA ALA A 370 -18.51 -1.15 -4.40
C ALA A 370 -19.02 -2.00 -5.55
N GLN A 371 -18.23 -2.99 -5.94
CA GLN A 371 -18.56 -3.91 -7.05
C GLN A 371 -19.90 -4.61 -6.82
N THR A 372 -20.06 -5.13 -5.62
CA THR A 372 -21.30 -5.76 -5.21
C THR A 372 -22.43 -4.77 -5.05
N ASN A 373 -22.19 -3.70 -4.33
CA ASN A 373 -23.23 -2.67 -4.18
C ASN A 373 -23.70 -2.13 -5.50
N ALA A 374 -22.81 -2.02 -6.50
CA ALA A 374 -23.25 -1.60 -7.84
C ALA A 374 -24.03 -2.68 -8.65
N GLY A 375 -24.17 -3.89 -8.10
CA GLY A 375 -24.88 -4.98 -8.77
C GLY A 375 -23.97 -5.92 -9.55
N GLY A 376 -22.65 -5.84 -9.32
CA GLY A 376 -21.75 -6.86 -9.85
C GLY A 376 -21.85 -8.14 -9.01
N ALA A 377 -21.46 -9.28 -9.59
CA ALA A 377 -21.57 -10.59 -8.90
C ALA A 377 -20.55 -10.77 -7.77
N LYS A 378 -20.99 -11.32 -6.64
CA LYS A 378 -20.07 -11.67 -5.55
C LYS A 378 -18.95 -12.61 -6.05
N ASP A 379 -17.71 -12.12 -5.99
CA ASP A 379 -16.53 -12.95 -6.22
C ASP A 379 -16.42 -13.87 -5.01
N SER A 380 -16.74 -15.15 -5.21
CA SER A 380 -16.82 -16.09 -4.10
C SER A 380 -15.81 -17.21 -4.23
N THR A 381 -14.56 -16.84 -4.52
CA THR A 381 -13.44 -17.77 -4.47
C THR A 381 -12.30 -17.08 -3.77
N VAL A 382 -11.31 -17.87 -3.41
CA VAL A 382 -10.12 -17.37 -2.76
C VAL A 382 -8.97 -18.20 -3.34
N GLN A 383 -7.76 -17.64 -3.30
CA GLN A 383 -6.61 -18.32 -3.85
C GLN A 383 -5.48 -18.24 -2.90
N THR A 384 -4.60 -19.21 -2.98
CA THR A 384 -3.38 -19.13 -2.25
C THR A 384 -2.28 -19.86 -2.98
N SER A 385 -1.07 -19.50 -2.62
CA SER A 385 0.14 -20.03 -3.24
C SER A 385 0.95 -20.68 -2.15
N ILE A 386 1.47 -21.86 -2.44
CA ILE A 386 2.31 -22.58 -1.50
C ILE A 386 3.72 -22.30 -1.92
N SER A 387 4.56 -21.95 -0.97
CA SER A 387 5.89 -21.48 -1.26
C SER A 387 6.95 -22.40 -0.71
N VAL A 388 8.05 -22.44 -1.42
CA VAL A 388 9.13 -23.34 -1.14
C VAL A 388 10.43 -22.53 -1.10
N GLU A 389 11.29 -22.88 -0.17
CA GLU A 389 12.60 -22.32 -0.12
C GLU A 389 13.63 -23.42 -0.23
N LYS A 390 14.64 -23.19 -1.06
CA LYS A 390 15.77 -24.12 -1.16
C LYS A 390 17.06 -23.45 -0.67
N VAL A 391 17.83 -24.16 0.13
CA VAL A 391 19.06 -23.61 0.69
C VAL A 391 20.28 -24.45 0.32
N LEU A 392 21.23 -23.84 -0.40
CA LEU A 392 22.58 -24.44 -0.62
C LEU A 392 23.62 -23.60 0.16
N GLU A 393 24.63 -24.23 0.76
CA GLU A 393 25.64 -23.50 1.55
C GLU A 393 26.48 -22.47 0.77
N ARG A 394 26.78 -22.74 -0.49
CA ARG A 394 27.73 -21.93 -1.22
C ARG A 394 26.98 -20.89 -2.00
N ALA A 395 27.36 -19.63 -1.85
CA ALA A 395 26.81 -18.58 -2.75
C ALA A 395 27.30 -18.82 -4.17
N GLY A 396 26.40 -18.67 -5.14
CA GLY A 396 26.74 -18.93 -6.53
C GLY A 396 26.70 -20.39 -6.96
N ASP A 397 26.42 -21.31 -6.03
CA ASP A 397 26.15 -22.69 -6.39
C ASP A 397 24.71 -22.70 -6.94
N SER A 398 24.57 -22.88 -8.24
CA SER A 398 23.26 -22.81 -8.88
C SER A 398 22.69 -24.20 -9.26
N THR A 399 23.19 -25.25 -8.62
CA THR A 399 22.69 -26.60 -8.86
C THR A 399 21.15 -26.65 -8.78
N PRO A 400 20.47 -27.18 -9.82
CA PRO A 400 19.00 -27.17 -9.77
C PRO A 400 18.39 -28.30 -8.91
N PHE A 401 17.27 -28.01 -8.25
CA PHE A 401 16.48 -29.00 -7.54
C PHE A 401 15.01 -28.78 -7.81
N SER A 402 14.24 -29.88 -7.77
CA SER A 402 12.80 -29.85 -8.12
C SER A 402 11.91 -30.30 -6.98
N PHE A 403 10.67 -29.83 -6.96
CA PHE A 403 9.78 -30.07 -5.84
C PHE A 403 8.40 -30.38 -6.38
N ALA A 404 7.73 -31.32 -5.72
CA ALA A 404 6.38 -31.67 -6.11
C ALA A 404 5.35 -31.26 -5.09
N LEU A 405 4.19 -30.86 -5.59
CA LEU A 405 3.05 -30.52 -4.79
C LEU A 405 2.01 -31.58 -5.13
N GLU A 406 1.60 -32.36 -4.13
CA GLU A 406 0.61 -33.42 -4.31
C GLU A 406 -0.65 -33.07 -3.54
N SER A 407 -1.80 -33.26 -4.19
CA SER A 407 -3.09 -33.27 -3.50
C SER A 407 -3.34 -34.64 -2.85
N ILE A 408 -3.46 -34.68 -1.54
CA ILE A 408 -3.82 -35.93 -0.83
C ILE A 408 -5.31 -36.26 -1.07
N ASP A 409 -6.14 -35.21 -1.15
CA ASP A 409 -7.56 -35.40 -1.34
C ASP A 409 -7.85 -36.07 -2.67
N ALA A 410 -7.08 -35.74 -3.71
CA ALA A 410 -7.28 -36.30 -5.03
C ALA A 410 -6.21 -37.35 -5.40
N MET A 411 -5.24 -37.59 -4.52
CA MET A 411 -4.21 -38.60 -4.77
C MET A 411 -3.51 -38.41 -6.12
N LYS A 412 -3.17 -37.16 -6.47
CA LYS A 412 -2.34 -36.89 -7.64
C LYS A 412 -1.36 -35.72 -7.46
N THR A 413 -0.33 -35.73 -8.29
CA THR A 413 0.60 -34.62 -8.31
C THR A 413 -0.03 -33.44 -9.07
N ILE A 414 -0.02 -32.26 -8.45
CA ILE A 414 -0.62 -31.04 -9.04
C ILE A 414 0.38 -30.30 -9.89
N GLU A 415 1.63 -30.18 -9.43
CA GLU A 415 2.56 -29.31 -10.09
C GLU A 415 3.94 -29.64 -9.60
N GLU A 416 4.92 -29.41 -10.43
CA GLU A 416 6.31 -29.46 -10.02
C GLU A 416 7.01 -28.14 -10.36
N ILE A 417 7.97 -27.75 -9.55
CA ILE A 417 8.72 -26.53 -9.80
C ILE A 417 10.18 -26.78 -9.55
N THR A 418 10.99 -25.95 -10.16
CA THR A 418 12.44 -26.05 -10.08
C THR A 418 13.03 -24.77 -9.49
N ILE A 419 14.03 -24.93 -8.64
CA ILE A 419 14.84 -23.81 -8.15
C ILE A 419 16.32 -24.13 -8.43
N ALA A 420 17.03 -23.18 -9.00
CA ALA A 420 18.47 -23.25 -9.19
C ALA A 420 19.17 -22.58 -8.01
N GLY A 421 19.84 -23.38 -7.20
CA GLY A 421 20.56 -22.91 -6.04
C GLY A 421 19.62 -22.46 -4.91
N SER A 422 20.15 -21.59 -4.06
CA SER A 422 19.37 -21.01 -2.98
C SER A 422 18.34 -20.07 -3.52
N GLY A 423 17.12 -20.23 -3.04
CA GLY A 423 16.05 -19.40 -3.54
C GLY A 423 14.67 -19.80 -3.04
N LYS A 424 13.72 -18.94 -3.32
CA LYS A 424 12.33 -19.13 -2.99
C LYS A 424 11.53 -19.20 -4.28
N ALA A 425 10.50 -20.03 -4.28
CA ALA A 425 9.64 -20.16 -5.45
C ALA A 425 8.29 -20.65 -4.96
N SER A 426 7.26 -20.37 -5.73
CA SER A 426 5.91 -20.75 -5.38
C SER A 426 5.29 -21.62 -6.43
N PHE A 427 4.49 -22.54 -5.99
CA PHE A 427 3.60 -23.25 -6.88
C PHE A 427 2.54 -22.27 -7.38
N SER A 428 1.96 -22.53 -8.53
N SER A 428 1.94 -22.59 -8.51
CA SER A 428 0.96 -21.63 -9.08
CA SER A 428 0.87 -21.80 -9.12
C SER A 428 -0.28 -21.69 -8.18
C SER A 428 -0.33 -21.73 -8.17
N PRO A 429 -1.10 -20.63 -8.22
CA PRO A 429 -2.16 -20.44 -7.26
C PRO A 429 -3.22 -21.53 -7.24
N LEU A 430 -3.63 -21.94 -6.05
CA LEU A 430 -4.71 -22.90 -5.89
C LEU A 430 -5.97 -22.10 -5.65
N THR A 431 -7.06 -22.54 -6.26
CA THR A 431 -8.35 -21.88 -6.08
C THR A 431 -9.36 -22.73 -5.31
N PHE A 432 -10.03 -22.09 -4.37
CA PHE A 432 -11.04 -22.71 -3.53
C PHE A 432 -12.35 -21.93 -3.59
N THR A 433 -13.46 -22.66 -3.73
CA THR A 433 -14.77 -22.05 -3.82
C THR A 433 -15.62 -22.35 -2.60
N THR A 434 -15.09 -23.11 -1.65
CA THR A 434 -15.91 -23.56 -0.54
C THR A 434 -15.08 -23.86 0.69
N VAL A 435 -15.65 -23.63 1.85
CA VAL A 435 -14.89 -23.75 3.11
C VAL A 435 -14.53 -25.21 3.38
N GLY A 436 -13.44 -25.41 4.09
CA GLY A 436 -13.04 -26.74 4.48
C GLY A 436 -11.55 -26.85 4.60
N GLN A 437 -11.08 -28.07 4.77
CA GLN A 437 -9.69 -28.32 5.04
C GLN A 437 -9.15 -29.11 3.84
N TYR A 438 -8.04 -28.65 3.26
CA TYR A 438 -7.55 -29.25 2.03
C TYR A 438 -6.16 -29.75 2.28
N THR A 439 -5.86 -30.97 1.85
CA THR A 439 -4.63 -31.62 2.27
C THR A 439 -3.68 -31.86 1.11
N TYR A 440 -2.45 -31.41 1.30
CA TYR A 440 -1.42 -31.53 0.28
C TYR A 440 -0.16 -31.99 0.94
N ARG A 441 0.79 -32.40 0.12
CA ARG A 441 2.13 -32.52 0.66
C ARG A 441 3.13 -32.05 -0.35
N VAL A 442 4.31 -31.67 0.15
CA VAL A 442 5.39 -31.20 -0.68
C VAL A 442 6.68 -31.94 -0.34
N TYR A 443 7.43 -32.36 -1.36
CA TYR A 443 8.70 -33.02 -1.16
C TYR A 443 9.65 -32.69 -2.30
N GLU A 444 10.93 -32.92 -2.08
CA GLU A 444 11.96 -32.65 -3.07
CA GLU A 444 11.95 -32.66 -3.06
C GLU A 444 12.24 -33.94 -3.84
N LYS A 445 12.27 -33.86 -5.14
CA LYS A 445 12.72 -34.97 -5.94
C LYS A 445 14.18 -35.33 -5.71
N PRO A 446 14.55 -36.59 -5.88
CA PRO A 446 15.95 -36.93 -5.72
C PRO A 446 16.79 -36.18 -6.74
N SER A 447 18.04 -35.87 -6.40
CA SER A 447 18.92 -35.12 -7.30
C SER A 447 19.57 -36.03 -8.32
N GLN A 448 19.63 -35.61 -9.59
CA GLN A 448 20.52 -36.28 -10.60
C GLN A 448 22.00 -36.20 -10.22
N ASN A 449 22.40 -35.11 -9.56
CA ASN A 449 23.79 -34.84 -9.29
C ASN A 449 24.31 -35.60 -8.10
N LYS A 450 25.26 -36.49 -8.35
CA LYS A 450 25.84 -37.35 -7.30
C LYS A 450 26.67 -36.59 -6.29
N ASP A 451 26.96 -35.32 -6.53
CA ASP A 451 27.73 -34.51 -5.58
C ASP A 451 26.91 -33.93 -4.43
N TYR A 452 25.60 -34.16 -4.45
CA TYR A 452 24.66 -33.62 -3.47
C TYR A 452 23.70 -34.64 -2.89
N GLN A 453 23.51 -34.65 -1.57
CA GLN A 453 22.36 -35.37 -1.01
C GLN A 453 21.19 -34.40 -0.84
N ALA A 454 20.13 -34.69 -1.58
CA ALA A 454 18.88 -34.01 -1.48
C ALA A 454 18.24 -34.19 -0.08
N ASP A 455 17.49 -33.18 0.34
CA ASP A 455 16.78 -33.20 1.60
C ASP A 455 15.62 -34.18 1.40
N THR A 456 15.50 -35.16 2.30
CA THR A 456 14.43 -36.16 2.24
C THR A 456 13.22 -35.78 3.12
N THR A 457 13.23 -34.60 3.70
CA THR A 457 12.08 -34.14 4.49
C THR A 457 10.82 -34.02 3.63
N VAL A 458 9.70 -34.38 4.21
CA VAL A 458 8.39 -34.22 3.55
C VAL A 458 7.55 -33.30 4.38
N PHE A 459 6.79 -32.43 3.72
CA PHE A 459 5.99 -31.46 4.43
C PHE A 459 4.54 -31.77 4.21
N ASP A 460 3.78 -31.79 5.31
CA ASP A 460 2.33 -31.85 5.25
C ASP A 460 1.80 -30.44 5.22
N VAL A 461 0.95 -30.16 4.23
CA VAL A 461 0.46 -28.83 3.96
C VAL A 461 -1.06 -28.83 3.96
N LEU A 462 -1.62 -28.05 4.86
CA LEU A 462 -3.04 -27.98 5.09
C LEU A 462 -3.49 -26.58 4.74
N VAL A 463 -4.56 -26.48 3.96
CA VAL A 463 -5.13 -25.21 3.65
C VAL A 463 -6.48 -25.18 4.29
N TYR A 464 -6.69 -24.24 5.21
CA TYR A 464 -7.97 -24.04 5.85
C TYR A 464 -8.70 -22.91 5.17
N VAL A 465 -9.87 -23.21 4.63
CA VAL A 465 -10.65 -22.20 4.00
C VAL A 465 -11.77 -21.94 4.96
N THR A 466 -11.92 -20.68 5.36
CA THR A 466 -12.92 -20.27 6.36
C THR A 466 -13.58 -19.00 5.88
N TYR A 467 -14.67 -18.62 6.56
CA TYR A 467 -15.32 -17.33 6.28
C TYR A 467 -14.73 -16.33 7.24
N ASP A 468 -14.53 -15.10 6.79
CA ASP A 468 -14.23 -14.03 7.72
C ASP A 468 -15.55 -13.43 8.25
N GLU A 469 -15.44 -12.42 9.13
CA GLU A 469 -16.61 -11.76 9.73
C GLU A 469 -17.66 -11.35 8.72
N ASP A 470 -17.22 -11.07 7.49
CA ASP A 470 -18.10 -10.55 6.44
C ASP A 470 -18.64 -11.62 5.52
N GLY A 471 -18.32 -12.89 5.78
CA GLY A 471 -18.73 -13.97 4.89
C GLY A 471 -17.81 -14.16 3.70
N THR A 472 -16.67 -13.48 3.69
CA THR A 472 -15.73 -13.64 2.58
C THR A 472 -14.83 -14.85 2.84
N LEU A 473 -14.56 -15.61 1.78
CA LEU A 473 -13.63 -16.74 1.88
C LEU A 473 -12.22 -16.29 2.21
N VAL A 474 -11.61 -16.98 3.16
CA VAL A 474 -10.24 -16.71 3.58
C VAL A 474 -9.51 -18.05 3.60
N ALA A 475 -8.24 -18.07 3.18
CA ALA A 475 -7.47 -19.30 3.15
C ALA A 475 -6.20 -19.09 3.95
N LYS A 476 -5.91 -20.01 4.86
CA LYS A 476 -4.67 -19.98 5.62
C LYS A 476 -3.94 -21.32 5.38
N VAL A 477 -2.65 -21.24 5.04
CA VAL A 477 -1.83 -22.41 4.82
C VAL A 477 -0.99 -22.73 6.03
N ILE A 478 -1.12 -23.95 6.56
CA ILE A 478 -0.21 -24.39 7.64
C ILE A 478 0.56 -25.63 7.22
N SER A 479 1.88 -25.59 7.42
CA SER A 479 2.74 -26.66 6.96
C SER A 479 3.58 -27.18 8.12
N ARG A 480 3.78 -28.49 8.12
CA ARG A 480 4.56 -29.17 9.15
C ARG A 480 5.45 -30.20 8.51
N ARG A 481 6.60 -30.46 9.13
CA ARG A 481 7.38 -31.61 8.76
C ARG A 481 6.54 -32.83 9.08
N ALA A 482 6.61 -33.84 8.23
CA ALA A 482 5.83 -35.06 8.39
C ALA A 482 6.11 -35.80 9.69
N GLY A 483 7.35 -35.74 10.20
CA GLY A 483 7.64 -36.21 11.57
C GLY A 483 6.79 -35.54 12.67
N ASP A 484 6.60 -34.23 12.58
CA ASP A 484 6.26 -33.40 13.72
C ASP A 484 4.85 -32.88 13.75
N GLU A 485 4.53 -32.20 14.85
CA GLU A 485 3.32 -31.41 15.04
C GLU A 485 3.62 -29.92 15.00
N GLU A 486 4.92 -29.56 14.98
CA GLU A 486 5.36 -28.17 14.92
C GLU A 486 5.28 -27.60 13.50
N LYS A 487 4.73 -26.39 13.42
CA LYS A 487 4.70 -25.64 12.20
C LYS A 487 6.11 -25.36 11.70
N SER A 488 6.19 -25.12 10.41
CA SER A 488 7.47 -24.95 9.79
C SER A 488 7.21 -24.40 8.40
N ALA A 489 8.06 -23.46 7.98
CA ALA A 489 8.06 -23.04 6.59
C ALA A 489 8.56 -24.23 5.79
N ILE A 490 8.19 -24.28 4.54
CA ILE A 490 8.65 -25.32 3.65
C ILE A 490 10.05 -24.96 3.15
N THR A 491 11.04 -25.64 3.68
N THR A 491 11.05 -25.60 3.72
CA THR A 491 12.42 -25.28 3.39
CA THR A 491 12.43 -25.29 3.40
C THR A 491 13.22 -26.55 3.26
C THR A 491 13.19 -26.57 3.25
N PHE A 492 13.95 -26.68 2.17
CA PHE A 492 14.83 -27.83 1.99
C PHE A 492 16.31 -27.41 1.96
N LYS A 493 17.15 -28.23 2.56
CA LYS A 493 18.55 -27.96 2.69
C LYS A 493 19.31 -29.08 1.98
N ASN A 494 20.06 -28.70 0.94
CA ASN A 494 20.81 -29.66 0.15
C ASN A 494 22.29 -29.60 0.49
N LYS A 495 22.85 -30.73 0.89
CA LYS A 495 24.22 -30.78 1.32
C LYS A 495 25.15 -31.20 0.18
N ARG A 496 26.23 -30.43 0.01
CA ARG A 496 27.23 -30.73 -1.01
CA ARG A 496 27.28 -30.64 -0.99
C ARG A 496 28.28 -31.66 -0.44
N LEU A 497 28.55 -32.72 -1.17
CA LEU A 497 29.50 -33.76 -0.72
C LEU A 497 30.94 -33.56 -1.23
N VAL A 498 31.09 -32.70 -2.24
CA VAL A 498 32.37 -32.45 -2.93
C VAL A 498 32.95 -31.06 -2.64
N LYS A 499 34.27 -30.92 -2.80
CA LYS A 499 34.95 -29.62 -2.70
C LYS A 499 34.40 -28.61 -3.72
N HIS B 11 45.64 -20.40 -4.46
CA HIS B 11 45.24 -19.18 -3.70
C HIS B 11 43.76 -18.89 -3.89
N MET B 12 43.04 -18.86 -2.78
CA MET B 12 41.65 -18.43 -2.77
C MET B 12 41.26 -17.91 -1.39
N LEU B 13 40.18 -17.14 -1.33
CA LEU B 13 39.65 -16.66 -0.07
C LEU B 13 38.29 -17.32 0.21
N VAL B 14 38.14 -17.87 1.40
CA VAL B 14 36.88 -18.38 1.89
C VAL B 14 36.31 -17.41 2.92
N ILE B 15 35.10 -16.94 2.62
CA ILE B 15 34.29 -16.09 3.50
C ILE B 15 33.02 -16.79 3.99
N TRP B 16 32.77 -16.73 5.30
CA TRP B 16 31.54 -17.15 5.94
C TRP B 16 30.70 -15.91 6.32
N ILE B 17 29.43 -15.89 5.92
CA ILE B 17 28.49 -14.85 6.32
C ILE B 17 27.12 -15.51 6.51
N ASN B 18 26.29 -14.94 7.38
CA ASN B 18 25.04 -15.53 7.74
C ASN B 18 24.08 -15.49 6.58
N GLY B 19 23.24 -16.51 6.50
CA GLY B 19 22.29 -16.67 5.42
C GLY B 19 21.24 -15.59 5.26
N ASP B 20 20.98 -14.78 6.31
CA ASP B 20 20.02 -13.66 6.17
C ASP B 20 20.60 -12.39 5.53
N LYS B 21 21.90 -12.40 5.28
CA LYS B 21 22.60 -11.26 4.71
C LYS B 21 22.82 -11.40 3.23
N GLY B 22 23.30 -10.32 2.62
CA GLY B 22 23.46 -10.20 1.20
C GLY B 22 24.62 -10.99 0.65
N TYR B 23 24.60 -12.31 0.86
CA TYR B 23 25.68 -13.14 0.42
C TYR B 23 25.91 -13.13 -1.10
N ASN B 24 24.87 -12.90 -1.89
CA ASN B 24 25.03 -12.86 -3.33
C ASN B 24 25.68 -11.59 -3.78
N GLY B 25 25.30 -10.46 -3.19
CA GLY B 25 25.96 -9.18 -3.42
C GLY B 25 27.44 -9.26 -3.02
N LEU B 26 27.72 -9.90 -1.90
CA LEU B 26 29.09 -10.10 -1.48
C LEU B 26 29.88 -11.02 -2.40
N ALA B 27 29.21 -12.06 -2.93
CA ALA B 27 29.89 -13.01 -3.79
C ALA B 27 30.23 -12.28 -5.08
N GLN B 28 29.42 -11.30 -5.41
CA GLN B 28 29.63 -10.50 -6.61
C GLN B 28 30.85 -9.58 -6.51
N VAL B 29 31.11 -9.09 -5.31
CA VAL B 29 32.27 -8.31 -5.04
C VAL B 29 33.44 -9.24 -5.16
N GLY B 30 33.31 -10.45 -4.61
CA GLY B 30 34.31 -11.47 -4.79
C GLY B 30 34.68 -11.76 -6.26
N LYS B 31 33.69 -11.63 -7.16
CA LYS B 31 33.90 -11.84 -8.60
C LYS B 31 34.56 -10.66 -9.29
N LYS B 32 34.28 -9.41 -8.87
CA LYS B 32 35.11 -8.30 -9.31
C LYS B 32 36.56 -8.62 -8.94
N PHE B 33 36.77 -9.09 -7.73
CA PHE B 33 38.12 -9.38 -7.23
C PHE B 33 38.78 -10.45 -8.10
N GLU B 34 38.02 -11.51 -8.41
CA GLU B 34 38.52 -12.60 -9.24
C GLU B 34 38.78 -12.10 -10.65
N LYS B 35 37.93 -11.24 -11.15
CA LYS B 35 38.06 -10.72 -12.51
C LYS B 35 39.39 -9.96 -12.63
N ASP B 36 39.72 -9.16 -11.63
CA ASP B 36 41.00 -8.41 -11.63
C ASP B 36 42.23 -9.26 -11.37
N THR B 37 42.14 -10.17 -10.39
CA THR B 37 43.33 -10.81 -9.82
C THR B 37 43.50 -12.28 -10.12
N GLY B 38 42.47 -12.93 -10.67
CA GLY B 38 42.46 -14.39 -10.77
C GLY B 38 42.30 -15.15 -9.45
N ILE B 39 42.14 -14.44 -8.32
CA ILE B 39 41.93 -15.10 -7.01
C ILE B 39 40.44 -15.34 -6.79
N LYS B 40 40.08 -16.60 -6.59
CA LYS B 40 38.69 -16.97 -6.36
C LYS B 40 38.30 -16.66 -4.91
N VAL B 41 37.10 -16.11 -4.77
CA VAL B 41 36.54 -15.81 -3.48
C VAL B 41 35.26 -16.60 -3.31
N THR B 42 35.27 -17.54 -2.37
CA THR B 42 34.11 -18.37 -2.12
C THR B 42 33.40 -17.84 -0.91
N VAL B 43 32.13 -17.53 -1.08
CA VAL B 43 31.28 -17.13 0.03
C VAL B 43 30.38 -18.29 0.40
N GLU B 44 30.37 -18.62 1.68
CA GLU B 44 29.51 -19.65 2.19
C GLU B 44 28.67 -19.14 3.35
N HIS B 45 27.45 -19.67 3.45
CA HIS B 45 26.58 -19.36 4.56
C HIS B 45 26.12 -20.60 5.28
N PRO B 46 27.01 -21.27 6.02
CA PRO B 46 26.63 -22.45 6.78
C PRO B 46 25.65 -22.08 7.89
N ASP B 47 24.93 -23.10 8.38
CA ASP B 47 24.11 -22.96 9.57
C ASP B 47 25.00 -22.88 10.79
N LYS B 48 24.58 -22.08 11.78
CA LYS B 48 25.27 -22.00 13.07
C LYS B 48 26.74 -21.61 12.88
N LEU B 49 26.99 -20.69 11.94
CA LEU B 49 28.35 -20.35 11.58
C LEU B 49 29.10 -19.75 12.79
N GLU B 50 28.39 -19.03 13.65
CA GLU B 50 29.01 -18.44 14.83
C GLU B 50 29.51 -19.46 15.90
N GLU B 51 28.91 -20.65 15.93
CA GLU B 51 29.34 -21.74 16.82
C GLU B 51 30.33 -22.62 16.09
N LYS B 52 30.08 -22.84 14.81
CA LYS B 52 30.99 -23.60 13.96
C LYS B 52 32.41 -23.01 13.92
N PHE B 53 32.50 -21.68 13.86
CA PHE B 53 33.76 -21.01 13.63
C PHE B 53 34.81 -21.33 14.71
N PRO B 54 34.49 -21.08 15.98
CA PRO B 54 35.52 -21.36 16.99
C PRO B 54 35.95 -22.83 17.04
N GLN B 55 35.03 -23.74 16.79
CA GLN B 55 35.38 -25.17 16.72
C GLN B 55 36.42 -25.40 15.64
N VAL B 56 36.03 -25.18 14.40
CA VAL B 56 36.89 -25.51 13.26
C VAL B 56 38.16 -24.65 13.15
N ALA B 57 38.24 -23.54 13.90
CA ALA B 57 39.37 -22.63 13.80
C ALA B 57 40.41 -22.93 14.88
N GLY B 62 38.75 -23.63 9.04
CA GLY B 62 37.88 -22.47 9.04
C GLY B 62 38.07 -21.55 7.85
N PRO B 63 37.19 -20.55 7.70
CA PRO B 63 37.31 -19.58 6.63
C PRO B 63 38.44 -18.55 6.88
N ASP B 64 38.80 -17.82 5.84
CA ASP B 64 39.76 -16.73 5.97
C ASP B 64 39.12 -15.50 6.63
N ILE B 65 37.89 -15.20 6.23
CA ILE B 65 37.13 -14.11 6.77
C ILE B 65 35.81 -14.60 7.34
N ILE B 66 35.45 -14.10 8.50
CA ILE B 66 34.13 -14.41 9.05
C ILE B 66 33.38 -13.13 9.28
N PHE B 67 32.14 -13.11 8.83
CA PHE B 67 31.23 -12.01 9.10
C PHE B 67 30.19 -12.40 10.16
N TRP B 68 30.06 -11.53 11.17
CA TRP B 68 28.99 -11.62 12.16
C TRP B 68 28.86 -10.27 12.86
N ALA B 69 27.78 -10.06 13.59
CA ALA B 69 27.72 -8.87 14.40
C ALA B 69 28.88 -8.89 15.41
N HIS B 70 29.31 -7.69 15.79
CA HIS B 70 30.49 -7.50 16.67
C HIS B 70 30.45 -8.22 18.02
N ASP B 71 29.28 -8.63 18.49
CA ASP B 71 29.12 -9.14 19.88
C ASP B 71 29.79 -10.49 20.12
N ARG B 72 29.97 -11.26 19.07
CA ARG B 72 30.64 -12.53 19.17
C ARG B 72 32.18 -12.42 19.11
N PHE B 73 32.71 -11.27 18.69
CA PHE B 73 34.15 -11.15 18.35
C PHE B 73 35.14 -11.04 19.50
N GLY B 74 34.72 -10.49 20.63
CA GLY B 74 35.52 -10.52 21.84
C GLY B 74 35.86 -11.94 22.24
N GLY B 75 34.86 -12.83 22.19
CA GLY B 75 35.06 -14.24 22.52
C GLY B 75 36.08 -14.87 21.61
N TYR B 76 35.97 -14.61 20.32
CA TYR B 76 36.92 -15.15 19.34
C TYR B 76 38.33 -14.59 19.56
N ALA B 77 38.41 -13.31 19.92
CA ALA B 77 39.70 -12.68 20.18
C ALA B 77 40.33 -13.29 21.43
N GLN B 78 39.59 -13.26 22.53
CA GLN B 78 39.98 -13.94 23.76
C GLN B 78 40.66 -15.27 23.49
N SER B 79 39.99 -16.16 22.78
CA SER B 79 40.51 -17.49 22.52
C SER B 79 41.55 -17.55 21.40
N GLY B 80 41.92 -16.40 20.83
CA GLY B 80 43.06 -16.28 19.94
C GLY B 80 42.80 -16.57 18.48
N LEU B 81 41.56 -16.39 18.03
CA LEU B 81 41.16 -16.88 16.71
C LEU B 81 41.19 -15.82 15.62
N LEU B 82 41.40 -14.56 15.99
CA LEU B 82 41.36 -13.45 15.02
C LEU B 82 42.69 -12.74 14.84
N ALA B 83 43.02 -12.36 13.61
CA ALA B 83 44.16 -11.51 13.33
C ALA B 83 43.87 -10.07 13.74
N GLU B 84 44.85 -9.41 14.37
CA GLU B 84 44.71 -7.99 14.63
C GLU B 84 44.73 -7.33 13.28
N ILE B 85 43.86 -6.36 13.06
CA ILE B 85 43.85 -5.69 11.77
C ILE B 85 44.58 -4.34 11.86
N THR B 86 45.23 -3.96 10.76
CA THR B 86 46.14 -2.82 10.75
C THR B 86 45.79 -1.90 9.59
N PRO B 87 44.67 -1.19 9.72
CA PRO B 87 44.34 -0.23 8.69
C PRO B 87 45.01 1.08 9.05
N ASP B 88 45.32 1.89 8.05
CA ASP B 88 46.02 3.13 8.29
C ASP B 88 45.02 4.21 8.69
N LYS B 89 45.51 5.32 9.22
CA LYS B 89 44.64 6.39 9.72
C LYS B 89 43.68 6.83 8.63
N ALA B 90 44.21 7.03 7.45
CA ALA B 90 43.40 7.51 6.35
C ALA B 90 42.22 6.57 6.05
N PHE B 91 42.45 5.25 6.17
CA PHE B 91 41.39 4.29 5.96
C PHE B 91 40.39 4.33 7.10
N GLN B 92 40.89 4.34 8.34
CA GLN B 92 40.01 4.46 9.51
C GLN B 92 39.13 5.70 9.51
N ASP B 93 39.69 6.82 9.10
CA ASP B 93 38.93 8.07 9.06
C ASP B 93 37.73 7.95 8.12
N LYS B 94 37.75 6.98 7.21
CA LYS B 94 36.63 6.80 6.27
C LYS B 94 35.34 6.20 6.88
N LEU B 95 35.45 5.57 8.04
CA LEU B 95 34.34 4.95 8.78
C LEU B 95 34.02 5.67 10.08
N TYR B 96 32.74 5.67 10.49
CA TYR B 96 32.33 6.26 11.77
C TYR B 96 33.14 5.66 12.90
N PRO B 97 33.64 6.51 13.84
CA PRO B 97 34.48 6.01 14.93
C PRO B 97 33.78 5.09 15.88
N PHE B 98 32.49 5.31 16.14
CA PHE B 98 31.82 4.41 17.07
C PHE B 98 31.78 3.00 16.48
N THR B 99 31.85 2.85 15.16
CA THR B 99 31.89 1.49 14.59
C THR B 99 33.21 0.81 14.82
N TRP B 100 34.31 1.56 14.75
CA TRP B 100 35.62 1.02 15.18
C TRP B 100 35.61 0.62 16.65
N ASP B 101 34.97 1.44 17.48
CA ASP B 101 34.84 1.13 18.90
C ASP B 101 34.21 -0.24 19.14
N ALA B 102 33.17 -0.59 18.39
CA ALA B 102 32.51 -1.89 18.57
C ALA B 102 33.44 -3.07 18.26
N VAL B 103 34.37 -2.88 17.33
CA VAL B 103 35.33 -3.91 16.98
C VAL B 103 36.70 -3.76 17.69
N ARG B 104 36.77 -2.95 18.76
CA ARG B 104 37.99 -2.89 19.60
C ARG B 104 37.89 -3.80 20.83
N TYR B 105 38.89 -4.66 21.00
CA TYR B 105 38.95 -5.54 22.15
C TYR B 105 40.35 -5.50 22.75
N ASN B 106 40.41 -5.15 24.05
CA ASN B 106 41.68 -4.92 24.76
C ASN B 106 42.64 -4.08 23.94
N GLY B 107 42.20 -2.90 23.52
CA GLY B 107 43.02 -2.01 22.72
C GLY B 107 43.34 -2.39 21.29
N LYS B 108 43.08 -3.62 20.84
CA LYS B 108 43.34 -4.02 19.46
C LYS B 108 42.05 -4.02 18.59
N LEU B 109 42.12 -3.45 17.39
CA LEU B 109 41.07 -3.62 16.40
C LEU B 109 41.14 -5.06 15.87
N ILE B 110 40.03 -5.80 16.03
CA ILE B 110 39.96 -7.22 15.71
C ILE B 110 39.01 -7.56 14.55
N ALA B 111 38.43 -6.54 13.92
CA ALA B 111 37.61 -6.75 12.74
C ALA B 111 37.37 -5.42 12.06
N TYR B 112 36.91 -5.47 10.82
CA TYR B 112 36.51 -4.29 10.10
C TYR B 112 35.00 -4.10 10.26
N PRO B 113 34.57 -2.89 10.61
CA PRO B 113 33.12 -2.72 10.73
C PRO B 113 32.48 -2.48 9.38
N ILE B 114 31.28 -3.02 9.17
CA ILE B 114 30.61 -2.89 7.90
C ILE B 114 29.36 -2.04 8.00
N ALA B 115 28.53 -2.28 9.01
CA ALA B 115 27.22 -1.65 9.07
C ALA B 115 26.59 -1.79 10.42
N VAL B 116 25.68 -0.87 10.72
CA VAL B 116 24.97 -0.83 11.97
C VAL B 116 23.54 -1.33 11.74
N GLU B 117 23.13 -2.30 12.55
CA GLU B 117 21.85 -2.96 12.44
C GLU B 117 21.05 -2.72 13.71
N ALA B 118 19.80 -2.29 13.54
CA ALA B 118 18.84 -2.30 14.64
C ALA B 118 17.48 -2.79 14.10
N LEU B 119 16.76 -3.50 14.95
CA LEU B 119 15.37 -3.86 14.68
C LEU B 119 14.46 -2.64 14.61
N SER B 120 13.53 -2.68 13.66
CA SER B 120 12.46 -1.71 13.58
C SER B 120 11.11 -2.43 13.47
N LEU B 121 10.04 -1.67 13.65
CA LEU B 121 8.67 -2.13 13.43
C LEU B 121 8.37 -1.97 11.95
N ILE B 122 8.01 -3.07 11.30
CA ILE B 122 7.68 -3.06 9.88
C ILE B 122 6.18 -3.30 9.83
N TYR B 123 5.47 -2.54 9.01
CA TYR B 123 4.03 -2.60 9.03
C TYR B 123 3.52 -2.43 7.63
N ASN B 124 2.33 -2.99 7.42
CA ASN B 124 1.59 -2.91 6.17
C ASN B 124 0.80 -1.59 6.10
N LYS B 125 1.18 -0.74 5.15
CA LYS B 125 0.56 0.59 5.00
C LYS B 125 -0.87 0.52 4.44
N ASP B 126 -1.13 -0.49 3.62
CA ASP B 126 -2.49 -0.77 3.12
C ASP B 126 -3.39 -1.14 4.28
N LEU B 127 -3.02 -2.16 5.04
CA LEU B 127 -3.83 -2.59 6.20
C LEU B 127 -3.86 -1.57 7.32
N LEU B 128 -2.72 -0.95 7.58
CA LEU B 128 -2.56 -0.22 8.83
C LEU B 128 -1.86 1.10 8.56
N PRO B 129 -2.60 2.07 7.96
CA PRO B 129 -2.02 3.37 7.62
C PRO B 129 -1.33 4.06 8.81
N ASN B 130 -1.89 3.89 10.01
CA ASN B 130 -1.32 4.50 11.21
C ASN B 130 -0.89 3.43 12.18
N PRO B 131 0.43 3.12 12.21
CA PRO B 131 0.88 2.01 13.03
C PRO B 131 0.81 2.37 14.49
N PRO B 132 0.68 1.36 15.38
CA PRO B 132 0.50 1.60 16.80
C PRO B 132 1.80 2.04 17.43
N LYS B 133 1.68 2.93 18.39
CA LYS B 133 2.85 3.48 19.04
C LYS B 133 3.15 2.76 20.35
N THR B 134 2.25 1.92 20.81
CA THR B 134 2.44 1.19 22.06
C THR B 134 2.31 -0.31 21.87
N TRP B 135 2.97 -1.06 22.73
CA TRP B 135 2.81 -2.50 22.82
C TRP B 135 1.43 -2.83 23.39
N GLU B 136 0.94 -1.98 24.29
CA GLU B 136 -0.29 -2.24 25.01
C GLU B 136 -1.53 -2.28 24.11
N GLU B 137 -1.56 -1.52 23.04
CA GLU B 137 -2.71 -1.50 22.14
C GLU B 137 -2.76 -2.66 21.11
N ILE B 138 -1.73 -3.51 21.11
CA ILE B 138 -1.63 -4.56 20.10
C ILE B 138 -2.73 -5.63 20.22
N PRO B 139 -3.02 -6.09 21.45
CA PRO B 139 -4.10 -7.08 21.60
C PRO B 139 -5.42 -6.69 20.91
N ALA B 140 -5.85 -5.45 21.07
CA ALA B 140 -7.12 -5.00 20.51
C ALA B 140 -7.03 -4.86 19.00
N LEU B 141 -5.86 -4.46 18.53
CA LEU B 141 -5.62 -4.37 17.11
C LEU B 141 -5.69 -5.78 16.46
N ASP B 142 -5.17 -6.77 17.19
CA ASP B 142 -5.25 -8.14 16.74
C ASP B 142 -6.71 -8.59 16.63
N LYS B 143 -7.52 -8.38 17.70
CA LYS B 143 -8.94 -8.78 17.69
C LYS B 143 -9.55 -8.25 16.40
N GLU B 144 -9.36 -6.96 16.13
CA GLU B 144 -9.90 -6.35 14.92
C GLU B 144 -9.45 -7.07 13.66
N LEU B 145 -8.16 -7.40 13.57
CA LEU B 145 -7.64 -8.08 12.38
C LEU B 145 -7.97 -9.56 12.30
N LYS B 146 -8.03 -10.25 13.44
CA LYS B 146 -8.51 -11.64 13.45
C LYS B 146 -9.83 -11.78 12.69
N ALA B 147 -10.73 -10.81 12.89
CA ALA B 147 -12.07 -10.82 12.29
C ALA B 147 -12.03 -10.83 10.77
N LYS B 148 -10.89 -10.46 10.19
CA LYS B 148 -10.74 -10.54 8.74
C LYS B 148 -9.75 -11.61 8.28
N GLY B 149 -9.48 -12.58 9.15
CA GLY B 149 -8.60 -13.68 8.83
C GLY B 149 -7.12 -13.34 8.90
N LYS B 150 -6.79 -12.20 9.51
CA LYS B 150 -5.43 -11.69 9.61
C LYS B 150 -5.01 -11.66 11.08
N SER B 151 -3.85 -11.07 11.34
CA SER B 151 -3.32 -10.93 12.69
C SER B 151 -2.50 -9.63 12.76
N ALA B 152 -2.22 -9.15 13.95
CA ALA B 152 -1.63 -7.83 14.08
C ALA B 152 -0.10 -7.91 13.89
N LEU B 153 0.52 -8.88 14.56
CA LEU B 153 1.96 -8.91 14.70
C LEU B 153 2.52 -10.33 14.73
N MET B 154 3.49 -10.59 13.84
CA MET B 154 4.26 -11.83 13.92
C MET B 154 5.76 -11.54 13.80
N PHE B 155 6.53 -12.15 14.69
CA PHE B 155 7.99 -12.04 14.65
C PHE B 155 8.63 -13.24 15.31
N ASN B 156 9.92 -13.42 15.05
CA ASN B 156 10.65 -14.58 15.50
C ASN B 156 10.77 -14.68 17.01
N LEU B 157 10.15 -15.68 17.59
CA LEU B 157 10.21 -15.88 19.03
C LEU B 157 11.21 -16.92 19.41
N GLN B 158 12.01 -17.39 18.44
CA GLN B 158 13.01 -18.43 18.74
C GLN B 158 14.38 -17.85 19.07
N GLU B 159 14.61 -16.60 18.68
CA GLU B 159 15.90 -15.95 18.93
C GLU B 159 15.70 -14.74 19.83
N PRO B 160 16.44 -14.69 20.94
CA PRO B 160 16.25 -13.62 21.93
C PRO B 160 16.45 -12.19 21.40
N TYR B 161 17.32 -12.04 20.42
CA TYR B 161 17.52 -10.78 19.79
C TYR B 161 16.21 -10.07 19.51
N PHE B 162 15.17 -10.82 19.12
CA PHE B 162 13.95 -10.19 18.63
C PHE B 162 13.00 -9.78 19.76
N THR B 163 13.10 -10.45 20.89
CA THR B 163 12.25 -10.20 22.05
C THR B 163 12.91 -9.24 23.06
N TRP B 164 14.23 -9.09 22.98
CA TRP B 164 15.02 -8.23 23.87
C TRP B 164 14.61 -6.77 23.92
N PRO B 165 14.32 -6.15 22.78
CA PRO B 165 13.90 -4.76 22.85
C PRO B 165 12.72 -4.56 23.82
N LEU B 166 11.85 -5.56 23.92
CA LEU B 166 10.69 -5.50 24.82
C LEU B 166 11.10 -5.83 26.23
N ILE B 167 11.98 -6.79 26.39
CA ILE B 167 12.46 -7.17 27.71
C ILE B 167 13.24 -6.04 28.35
N ALA B 168 13.96 -5.28 27.53
CA ALA B 168 14.82 -4.22 28.02
C ALA B 168 14.07 -2.90 28.25
N ALA B 169 12.98 -2.69 27.53
CA ALA B 169 12.27 -1.41 27.53
C ALA B 169 12.09 -0.78 28.93
N ASP B 170 11.71 -1.62 29.91
CA ASP B 170 11.40 -1.17 31.27
C ASP B 170 12.49 -1.53 32.24
N GLY B 171 13.72 -1.66 31.76
CA GLY B 171 14.87 -1.79 32.65
C GLY B 171 15.61 -3.10 32.61
N GLY B 172 15.23 -3.99 31.70
CA GLY B 172 16.08 -5.17 31.47
C GLY B 172 17.42 -4.71 30.93
N TYR B 173 18.49 -5.39 31.31
CA TYR B 173 19.81 -5.09 30.78
C TYR B 173 20.68 -6.35 30.88
N ALA B 174 21.72 -6.42 30.06
CA ALA B 174 22.63 -7.58 30.10
C ALA B 174 23.70 -7.42 31.19
N PHE B 175 24.70 -6.56 30.94
CA PHE B 175 25.77 -6.27 31.92
C PHE B 175 25.84 -4.76 32.16
N LYS B 176 25.94 -4.32 33.41
CA LYS B 176 25.99 -2.88 33.72
C LYS B 176 27.30 -2.28 33.25
N TYR B 177 27.23 -1.08 32.70
CA TYR B 177 28.38 -0.34 32.22
C TYR B 177 28.67 0.83 33.17
N GLU B 178 29.84 0.80 33.81
CA GLU B 178 30.29 1.86 34.73
C GLU B 178 31.78 2.02 34.54
N ASN B 179 32.23 3.27 34.44
CA ASN B 179 33.67 3.60 34.24
C ASN B 179 34.29 2.88 33.04
N GLY B 180 33.55 2.85 31.94
CA GLY B 180 34.04 2.29 30.70
C GLY B 180 34.33 0.79 30.71
N LYS B 181 33.76 0.06 31.66
CA LYS B 181 33.98 -1.39 31.77
C LYS B 181 32.64 -2.05 32.09
N TYR B 182 32.45 -3.28 31.61
CA TYR B 182 31.23 -4.02 31.94
C TYR B 182 31.50 -4.88 33.17
N ASP B 183 30.59 -4.86 34.13
CA ASP B 183 30.73 -5.71 35.31
C ASP B 183 30.23 -7.13 35.00
N ILE B 184 31.15 -8.07 34.78
CA ILE B 184 30.82 -9.48 34.51
C ILE B 184 29.88 -10.11 35.55
N LYS B 185 29.81 -9.54 36.75
CA LYS B 185 28.98 -10.09 37.83
C LYS B 185 27.57 -9.46 37.96
N ASP B 186 27.39 -8.23 37.46
CA ASP B 186 26.10 -7.51 37.59
C ASP B 186 25.21 -7.66 36.33
N VAL B 187 24.33 -8.66 36.37
CA VAL B 187 23.45 -9.01 35.26
C VAL B 187 22.02 -8.57 35.53
N GLY B 188 21.36 -8.00 34.54
CA GLY B 188 20.03 -7.43 34.74
C GLY B 188 18.90 -8.13 34.00
N VAL B 189 18.94 -9.46 33.96
CA VAL B 189 17.89 -10.17 33.23
C VAL B 189 16.66 -10.50 34.09
N ASP B 190 16.80 -10.53 35.41
CA ASP B 190 15.64 -10.88 36.28
C ASP B 190 15.06 -9.70 37.09
N ASN B 191 15.49 -8.48 36.81
CA ASN B 191 14.88 -7.33 37.48
C ASN B 191 13.44 -7.12 37.02
N ALA B 192 12.74 -6.26 37.74
CA ALA B 192 11.31 -6.03 37.57
C ALA B 192 10.95 -5.74 36.11
N GLY B 193 11.78 -4.91 35.48
CA GLY B 193 11.57 -4.46 34.12
C GLY B 193 11.61 -5.56 33.08
N ALA B 194 12.55 -6.49 33.26
CA ALA B 194 12.66 -7.67 32.42
C ALA B 194 11.43 -8.56 32.59
N LYS B 195 10.98 -8.72 33.82
CA LYS B 195 9.80 -9.53 34.11
C LYS B 195 8.58 -8.89 33.48
N ALA B 196 8.41 -7.59 33.66
CA ALA B 196 7.28 -6.90 33.06
C ALA B 196 7.22 -7.14 31.54
N GLY B 197 8.40 -7.16 30.91
CA GLY B 197 8.50 -7.34 29.47
C GLY B 197 8.19 -8.74 29.00
N LEU B 198 8.81 -9.73 29.61
CA LEU B 198 8.60 -11.12 29.23
C LEU B 198 7.15 -11.53 29.54
N THR B 199 6.65 -11.08 30.69
CA THR B 199 5.26 -11.27 31.09
C THR B 199 4.28 -10.79 30.03
N PHE B 200 4.46 -9.57 29.52
CA PHE B 200 3.58 -9.05 28.47
C PHE B 200 3.61 -9.91 27.21
N LEU B 201 4.79 -10.41 26.86
CA LEU B 201 4.98 -11.27 25.69
C LEU B 201 4.19 -12.57 25.84
N VAL B 202 4.44 -13.24 26.95
CA VAL B 202 3.76 -14.48 27.27
C VAL B 202 2.23 -14.28 27.21
N ASP B 203 1.75 -13.22 27.83
CA ASP B 203 0.33 -12.89 27.83
C ASP B 203 -0.22 -12.68 26.42
N LEU B 204 0.61 -12.21 25.49
CA LEU B 204 0.15 -12.08 24.10
C LEU B 204 -0.14 -13.48 23.55
N ILE B 205 0.67 -14.42 24.01
CA ILE B 205 0.61 -15.82 23.60
C ILE B 205 -0.54 -16.55 24.33
N LYS B 206 -0.64 -16.36 25.65
CA LYS B 206 -1.80 -16.86 26.43
C LYS B 206 -3.08 -16.49 25.71
N ASN B 207 -3.27 -15.23 25.38
CA ASN B 207 -4.49 -14.78 24.70
C ASN B 207 -4.55 -14.94 23.18
N LYS B 208 -3.61 -15.69 22.60
CA LYS B 208 -3.68 -16.12 21.20
C LYS B 208 -3.48 -14.99 20.19
N HIS B 209 -2.74 -13.97 20.61
CA HIS B 209 -2.38 -12.91 19.71
C HIS B 209 -1.07 -13.22 19.00
N MET B 210 -0.37 -14.23 19.51
CA MET B 210 0.86 -14.71 18.92
C MET B 210 1.05 -16.19 19.30
N ASN B 211 1.82 -16.90 18.47
CA ASN B 211 2.09 -18.31 18.69
C ASN B 211 3.56 -18.56 19.06
N ALA B 212 3.78 -19.39 20.07
CA ALA B 212 5.12 -19.74 20.54
C ALA B 212 5.95 -20.42 19.47
N ASP B 213 5.27 -21.16 18.60
CA ASP B 213 5.85 -21.77 17.39
C ASP B 213 6.58 -20.81 16.43
N THR B 214 6.19 -19.54 16.39
CA THR B 214 6.65 -18.63 15.34
C THR B 214 8.17 -18.41 15.34
N ASP B 215 8.75 -18.59 14.16
CA ASP B 215 10.17 -18.49 13.97
C ASP B 215 10.42 -17.56 12.81
N TYR B 216 11.67 -17.42 12.41
CA TYR B 216 12.01 -16.39 11.43
C TYR B 216 11.22 -16.55 10.12
N SER B 217 11.26 -17.73 9.52
CA SER B 217 10.65 -17.91 8.18
C SER B 217 9.16 -17.79 8.18
N ILE B 218 8.54 -18.23 9.26
CA ILE B 218 7.07 -18.19 9.40
C ILE B 218 6.63 -16.75 9.46
N ALA B 219 7.24 -15.97 10.35
CA ALA B 219 6.87 -14.54 10.44
C ALA B 219 7.10 -13.79 9.13
N GLU B 220 8.22 -14.08 8.48
CA GLU B 220 8.56 -13.41 7.23
C GLU B 220 7.54 -13.73 6.12
N ALA B 221 7.19 -15.01 5.99
CA ALA B 221 6.22 -15.44 4.97
C ALA B 221 4.84 -14.80 5.24
N ALA B 222 4.42 -14.81 6.50
CA ALA B 222 3.14 -14.23 6.86
C ALA B 222 3.05 -12.74 6.49
N PHE B 223 4.06 -11.94 6.88
CA PHE B 223 4.08 -10.54 6.54
C PHE B 223 4.10 -10.32 5.03
N ASN B 224 4.98 -11.03 4.35
CA ASN B 224 5.15 -10.84 2.91
C ASN B 224 3.94 -11.33 2.10
N LYS B 225 3.18 -12.27 2.64
CA LYS B 225 1.89 -12.69 2.05
C LYS B 225 0.74 -11.73 2.36
N GLY B 226 0.89 -10.86 3.35
CA GLY B 226 -0.18 -9.93 3.70
C GLY B 226 -1.14 -10.42 4.77
N GLU B 227 -0.75 -11.48 5.48
CA GLU B 227 -1.58 -12.12 6.50
C GLU B 227 -1.42 -11.53 7.89
N THR B 228 -0.26 -10.94 8.17
CA THR B 228 -0.07 -10.17 9.39
C THR B 228 0.27 -8.72 9.02
N ALA B 229 -0.16 -7.81 9.87
CA ALA B 229 -0.08 -6.40 9.53
C ALA B 229 1.27 -5.79 9.94
N MET B 230 1.96 -6.46 10.86
CA MET B 230 3.24 -6.01 11.37
C MET B 230 4.20 -7.16 11.64
N THR B 231 5.50 -6.85 11.53
CA THR B 231 6.54 -7.75 11.99
C THR B 231 7.68 -6.90 12.55
N ILE B 232 8.59 -7.55 13.24
CA ILE B 232 9.80 -6.93 13.75
C ILE B 232 11.00 -7.57 13.07
N ASN B 233 11.72 -6.78 12.31
CA ASN B 233 12.93 -7.29 11.71
C ASN B 233 13.92 -6.18 11.40
N GLY B 234 15.06 -6.58 10.87
CA GLY B 234 16.11 -5.66 10.53
C GLY B 234 16.14 -5.40 9.05
N PRO B 235 17.07 -4.52 8.62
CA PRO B 235 17.18 -4.03 7.26
C PRO B 235 17.32 -5.15 6.23
N TRP B 236 17.94 -6.25 6.63
CA TRP B 236 18.15 -7.38 5.73
C TRP B 236 16.83 -7.93 5.18
N ALA B 237 15.74 -7.72 5.92
CA ALA B 237 14.44 -8.21 5.54
C ALA B 237 13.78 -7.44 4.40
N TRP B 238 14.16 -6.17 4.21
CA TRP B 238 13.42 -5.30 3.29
C TRP B 238 13.44 -5.77 1.83
N SER B 239 14.51 -6.42 1.39
CA SER B 239 14.59 -6.93 0.01
C SER B 239 13.43 -7.86 -0.32
N ASN B 240 13.21 -8.83 0.56
CA ASN B 240 12.16 -9.78 0.37
C ASN B 240 10.80 -9.13 0.34
N ILE B 241 10.61 -8.08 1.14
CA ILE B 241 9.34 -7.38 1.17
C ILE B 241 9.13 -6.57 -0.11
N ASP B 242 10.17 -5.92 -0.62
CA ASP B 242 10.09 -5.27 -1.91
C ASP B 242 9.62 -6.28 -2.97
N THR B 243 10.15 -7.51 -2.90
CA THR B 243 9.84 -8.56 -3.90
C THR B 243 8.36 -8.96 -3.85
N SER B 244 7.86 -9.07 -2.62
CA SER B 244 6.48 -9.42 -2.38
C SER B 244 5.54 -8.27 -2.72
N LYS B 245 6.06 -7.16 -3.21
CA LYS B 245 5.20 -6.03 -3.58
C LYS B 245 4.19 -5.63 -2.50
N VAL B 246 4.41 -6.00 -1.23
CA VAL B 246 3.61 -5.48 -0.13
C VAL B 246 4.01 -4.03 0.08
N ASN B 247 3.04 -3.18 0.38
CA ASN B 247 3.27 -1.77 0.63
C ASN B 247 3.57 -1.51 2.11
N TYR B 248 4.86 -1.37 2.44
CA TYR B 248 5.27 -1.35 3.85
C TYR B 248 5.92 -0.06 4.23
N GLY B 249 5.93 0.19 5.53
CA GLY B 249 6.65 1.28 6.11
C GLY B 249 7.52 0.66 7.16
N VAL B 250 8.55 1.42 7.60
CA VAL B 250 9.43 1.02 8.68
C VAL B 250 9.47 2.14 9.69
N THR B 251 9.38 1.80 10.97
CA THR B 251 9.15 2.80 11.96
C THR B 251 9.65 2.41 13.32
N VAL B 252 9.53 3.36 14.24
CA VAL B 252 9.98 3.19 15.61
C VAL B 252 9.21 2.06 16.23
N LEU B 253 9.89 1.28 17.05
CA LEU B 253 9.28 0.19 17.76
C LEU B 253 8.27 0.78 18.70
N PRO B 254 7.26 -0.02 19.09
CA PRO B 254 6.28 0.52 20.02
C PRO B 254 6.90 0.69 21.39
N THR B 255 6.28 1.57 22.18
CA THR B 255 6.73 1.88 23.51
C THR B 255 6.13 0.82 24.41
N PHE B 256 6.75 0.59 25.56
CA PHE B 256 6.18 -0.32 26.54
C PHE B 256 6.18 0.37 27.87
N LYS B 257 4.97 0.57 28.41
CA LYS B 257 4.76 1.34 29.65
C LYS B 257 5.36 2.73 29.49
N GLY B 258 5.04 3.38 28.36
CA GLY B 258 5.53 4.71 28.05
C GLY B 258 7.02 4.86 27.74
N GLN B 259 7.81 3.78 27.82
CA GLN B 259 9.25 3.84 27.53
C GLN B 259 9.61 3.17 26.22
N PRO B 260 10.70 3.65 25.57
CA PRO B 260 11.06 3.05 24.28
C PRO B 260 11.46 1.58 24.40
N SER B 261 11.13 0.81 23.37
CA SER B 261 11.75 -0.48 23.17
C SER B 261 13.26 -0.22 22.88
N LYS B 262 14.12 -1.03 23.51
CA LYS B 262 15.58 -0.84 23.52
C LYS B 262 16.29 -2.00 22.81
N PRO B 263 16.32 -1.99 21.49
CA PRO B 263 16.97 -3.12 20.83
C PRO B 263 18.48 -3.14 21.05
N PHE B 264 19.05 -4.32 21.16
CA PHE B 264 20.49 -4.43 21.12
C PHE B 264 20.96 -4.19 19.68
N VAL B 265 21.87 -3.25 19.51
CA VAL B 265 22.35 -2.87 18.18
C VAL B 265 23.60 -3.68 17.85
N GLY B 266 23.66 -4.18 16.62
CA GLY B 266 24.80 -4.93 16.13
C GLY B 266 25.53 -4.14 15.05
N VAL B 267 26.86 -4.28 15.03
CA VAL B 267 27.69 -3.79 13.95
C VAL B 267 28.16 -5.04 13.24
N LEU B 268 27.66 -5.24 12.03
CA LEU B 268 28.09 -6.37 11.21
C LEU B 268 29.56 -6.15 10.90
N SER B 269 30.39 -7.13 11.25
CA SER B 269 31.84 -6.94 11.20
C SER B 269 32.52 -8.09 10.45
N ALA B 270 33.70 -7.84 9.91
CA ALA B 270 34.42 -8.82 9.13
C ALA B 270 35.77 -9.04 9.78
N GLY B 271 35.94 -10.20 10.39
CA GLY B 271 37.18 -10.57 11.03
C GLY B 271 38.03 -11.47 10.18
N ILE B 272 39.34 -11.45 10.44
CA ILE B 272 40.29 -12.27 9.68
C ILE B 272 40.79 -13.37 10.59
N ASN B 273 40.71 -14.59 10.10
CA ASN B 273 41.16 -15.78 10.80
C ASN B 273 42.65 -15.73 11.10
N ALA B 274 42.98 -15.77 12.38
CA ALA B 274 44.36 -15.93 12.85
C ALA B 274 45.16 -16.94 12.00
N ALA B 275 44.57 -18.09 11.73
CA ALA B 275 45.29 -19.18 11.08
C ALA B 275 45.30 -19.07 9.57
N SER B 276 44.73 -18.00 9.01
CA SER B 276 44.67 -17.92 7.56
C SER B 276 46.06 -17.68 7.01
N PRO B 277 46.39 -18.39 5.93
CA PRO B 277 47.59 -18.08 5.18
C PRO B 277 47.31 -17.00 4.14
N ASN B 278 46.14 -16.36 4.18
CA ASN B 278 45.77 -15.40 3.16
C ASN B 278 45.48 -14.04 3.74
N LYS B 279 46.05 -13.71 4.89
CA LYS B 279 45.69 -12.46 5.57
C LYS B 279 45.89 -11.25 4.69
N GLU B 280 46.89 -11.27 3.81
CA GLU B 280 47.20 -10.09 3.01
C GLU B 280 46.15 -9.91 1.93
N LEU B 281 45.76 -11.01 1.30
CA LEU B 281 44.64 -10.96 0.34
C LEU B 281 43.31 -10.56 1.00
N ALA B 282 43.02 -11.07 2.18
CA ALA B 282 41.80 -10.68 2.88
C ALA B 282 41.76 -9.17 3.06
N LYS B 283 42.88 -8.62 3.52
CA LYS B 283 42.97 -7.18 3.75
C LYS B 283 42.72 -6.43 2.46
N GLU B 284 43.36 -6.88 1.38
CA GLU B 284 43.19 -6.24 0.08
C GLU B 284 41.72 -6.30 -0.37
N PHE B 285 41.10 -7.47 -0.20
CA PHE B 285 39.68 -7.62 -0.57
C PHE B 285 38.80 -6.69 0.26
N LEU B 286 38.97 -6.74 1.57
CA LEU B 286 38.10 -6.01 2.45
C LEU B 286 38.26 -4.52 2.28
N GLU B 287 39.50 -4.04 2.26
CA GLU B 287 39.72 -2.58 2.21
C GLU B 287 39.56 -1.96 0.83
N ASN B 288 39.94 -2.66 -0.21
CA ASN B 288 39.96 -2.06 -1.54
C ASN B 288 38.77 -2.46 -2.42
N TYR B 289 38.08 -3.53 -2.06
CA TYR B 289 36.94 -3.94 -2.86
C TYR B 289 35.62 -3.82 -2.11
N LEU B 290 35.54 -4.37 -0.91
CA LEU B 290 34.26 -4.40 -0.17
C LEU B 290 33.93 -3.06 0.43
N LEU B 291 34.81 -2.55 1.27
CA LEU B 291 34.59 -1.27 1.93
C LEU B 291 34.81 -0.04 1.03
N THR B 292 34.01 0.04 -0.01
CA THR B 292 34.03 1.16 -0.93
C THR B 292 32.58 1.42 -1.25
N ASP B 293 32.31 2.56 -1.85
CA ASP B 293 30.96 2.92 -2.22
C ASP B 293 30.36 1.83 -3.10
N GLU B 294 31.14 1.32 -4.05
CA GLU B 294 30.71 0.31 -5.04
C GLU B 294 30.61 -1.12 -4.48
N GLY B 295 31.53 -1.50 -3.63
CA GLY B 295 31.42 -2.75 -2.90
C GLY B 295 30.20 -2.81 -1.99
N LEU B 296 29.98 -1.78 -1.18
CA LEU B 296 28.89 -1.84 -0.20
C LEU B 296 27.56 -1.73 -0.91
N GLU B 297 27.52 -0.99 -2.01
CA GLU B 297 26.30 -0.88 -2.80
C GLU B 297 25.84 -2.24 -3.37
N ALA B 298 26.76 -3.02 -3.91
CA ALA B 298 26.45 -4.37 -4.39
C ALA B 298 25.89 -5.26 -3.27
N VAL B 299 26.44 -5.18 -2.08
CA VAL B 299 25.92 -5.98 -0.97
C VAL B 299 24.53 -5.49 -0.63
N ASN B 300 24.37 -4.18 -0.56
CA ASN B 300 23.16 -3.53 -0.07
C ASN B 300 21.98 -3.67 -1.05
N LYS B 301 22.27 -3.70 -2.34
CA LYS B 301 21.28 -3.99 -3.39
C LYS B 301 20.70 -5.38 -3.25
N ASP B 302 21.55 -6.33 -2.85
CA ASP B 302 21.08 -7.66 -2.54
C ASP B 302 20.22 -7.67 -1.28
N LYS B 303 20.82 -7.38 -0.13
CA LYS B 303 20.06 -7.28 1.12
C LYS B 303 20.60 -6.07 1.87
N PRO B 304 19.70 -5.14 2.22
CA PRO B 304 20.16 -3.93 2.88
C PRO B 304 21.01 -4.17 4.10
N LEU B 305 22.10 -3.43 4.16
CA LEU B 305 23.02 -3.54 5.28
C LEU B 305 22.51 -2.81 6.51
N GLY B 306 21.63 -1.83 6.34
CA GLY B 306 21.33 -0.88 7.40
C GLY B 306 22.12 0.38 7.18
N ALA B 307 22.67 0.94 8.26
CA ALA B 307 23.44 2.19 8.16
C ALA B 307 24.90 1.84 8.04
N VAL B 308 25.49 2.03 6.87
CA VAL B 308 26.84 1.52 6.68
C VAL B 308 27.86 2.30 7.51
N ALA B 309 28.95 1.63 7.85
CA ALA B 309 30.05 2.24 8.56
C ALA B 309 30.78 3.27 7.71
N LEU B 310 30.79 3.07 6.39
CA LEU B 310 31.50 3.96 5.49
C LEU B 310 30.72 5.23 5.30
N LYS B 311 31.30 6.35 5.75
CA LYS B 311 30.61 7.66 5.78
C LYS B 311 30.18 8.17 4.42
N SER B 312 31.02 8.03 3.41
CA SER B 312 30.65 8.50 2.08
C SER B 312 29.37 7.82 1.59
N TYR B 313 29.26 6.52 1.82
CA TYR B 313 28.09 5.81 1.32
C TYR B 313 26.90 6.00 2.26
N GLU B 314 27.15 6.03 3.57
CA GLU B 314 26.09 6.31 4.53
C GLU B 314 25.38 7.63 4.31
N GLU B 315 26.12 8.65 3.86
CA GLU B 315 25.52 9.93 3.49
C GLU B 315 24.39 9.78 2.48
N GLU B 316 24.53 8.86 1.51
CA GLU B 316 23.45 8.60 0.55
C GLU B 316 22.30 7.84 1.20
N LEU B 317 22.61 6.74 1.88
CA LEU B 317 21.59 5.88 2.46
C LEU B 317 20.76 6.57 3.53
N ALA B 318 21.34 7.54 4.22
CA ALA B 318 20.66 8.25 5.29
C ALA B 318 19.46 9.08 4.84
N LYS B 319 19.34 9.33 3.53
CA LYS B 319 18.16 10.00 3.00
C LYS B 319 16.94 9.08 2.92
N ASP B 320 17.14 7.80 3.16
CA ASP B 320 16.08 6.82 3.12
C ASP B 320 15.33 6.86 4.44
N PRO B 321 14.01 7.11 4.40
CA PRO B 321 13.27 7.13 5.67
C PRO B 321 13.33 5.80 6.42
N ARG B 322 13.59 4.68 5.74
CA ARG B 322 13.77 3.41 6.44
C ARG B 322 15.06 3.36 7.30
N ILE B 323 16.13 3.94 6.79
CA ILE B 323 17.40 4.00 7.55
C ILE B 323 17.23 4.96 8.71
N ALA B 324 16.61 6.10 8.43
CA ALA B 324 16.27 7.05 9.46
C ALA B 324 15.59 6.36 10.62
N ALA B 325 14.62 5.50 10.31
CA ALA B 325 13.91 4.75 11.35
C ALA B 325 14.79 3.73 12.06
N THR B 326 15.63 3.05 11.29
CA THR B 326 16.61 2.14 11.88
C THR B 326 17.48 2.92 12.89
N MET B 327 17.90 4.12 12.52
CA MET B 327 18.79 4.90 13.42
C MET B 327 18.01 5.45 14.60
N GLU B 328 16.73 5.77 14.40
CA GLU B 328 15.91 6.18 15.55
C GLU B 328 15.87 5.05 16.58
N ASN B 329 15.60 3.85 16.11
CA ASN B 329 15.59 2.68 17.02
C ASN B 329 16.97 2.32 17.61
N ALA B 330 18.02 2.47 16.82
CA ALA B 330 19.39 2.23 17.36
C ALA B 330 19.71 3.19 18.51
N GLN B 331 19.38 4.47 18.29
CA GLN B 331 19.64 5.50 19.32
C GLN B 331 18.96 5.15 20.62
N LYS B 332 17.76 4.59 20.57
CA LYS B 332 17.01 4.24 21.80
C LYS B 332 17.51 2.96 22.40
N GLY B 333 18.13 2.12 21.57
CA GLY B 333 18.76 0.90 22.05
C GLY B 333 20.17 1.15 22.51
N GLU B 334 20.89 0.08 22.80
CA GLU B 334 22.29 0.11 23.18
C GLU B 334 23.11 -0.71 22.17
N ILE B 335 24.32 -0.27 21.88
CA ILE B 335 25.25 -1.09 21.10
C ILE B 335 25.61 -2.26 21.98
N MET B 336 25.68 -3.46 21.43
CA MET B 336 25.93 -4.61 22.29
C MET B 336 27.36 -4.54 22.80
N PRO B 337 27.64 -5.12 23.97
CA PRO B 337 29.03 -5.36 24.33
C PRO B 337 29.65 -6.41 23.41
N ASN B 338 30.98 -6.41 23.30
CA ASN B 338 31.68 -7.47 22.58
C ASN B 338 32.40 -8.46 23.47
N ILE B 339 32.11 -8.42 24.75
CA ILE B 339 32.85 -9.24 25.70
C ILE B 339 32.57 -10.74 25.53
N PRO B 340 33.52 -11.61 25.91
CA PRO B 340 33.34 -13.05 25.77
C PRO B 340 32.08 -13.61 26.39
N GLN B 341 31.58 -12.95 27.43
CA GLN B 341 30.45 -13.49 28.16
C GLN B 341 29.13 -13.33 27.41
N MET B 342 29.13 -12.59 26.31
CA MET B 342 27.91 -12.36 25.55
C MET B 342 27.25 -13.64 25.02
N SER B 343 28.04 -14.66 24.70
CA SER B 343 27.47 -15.94 24.27
C SER B 343 26.61 -16.55 25.37
N ALA B 344 27.15 -16.59 26.59
CA ALA B 344 26.42 -17.18 27.71
C ALA B 344 25.16 -16.41 28.04
N PHE B 345 25.22 -15.08 27.90
CA PHE B 345 24.05 -14.23 28.12
C PHE B 345 22.95 -14.59 27.11
N TRP B 346 23.34 -14.71 25.85
CA TRP B 346 22.38 -14.94 24.80
C TRP B 346 21.77 -16.34 24.91
N TYR B 347 22.61 -17.35 25.18
CA TYR B 347 22.08 -18.69 25.47
C TYR B 347 21.11 -18.65 26.62
N ALA B 348 21.52 -18.00 27.70
CA ALA B 348 20.67 -17.95 28.89
C ALA B 348 19.32 -17.31 28.55
N VAL B 349 19.34 -16.20 27.83
CA VAL B 349 18.08 -15.53 27.52
C VAL B 349 17.24 -16.35 26.53
N ARG B 350 17.88 -17.12 25.66
CA ARG B 350 17.16 -17.86 24.62
C ARG B 350 16.29 -18.91 25.29
N THR B 351 16.92 -19.69 26.16
CA THR B 351 16.26 -20.68 26.99
C THR B 351 15.07 -20.10 27.76
N ALA B 352 15.25 -18.91 28.34
CA ALA B 352 14.20 -18.31 29.17
C ALA B 352 12.98 -17.88 28.37
N VAL B 353 13.21 -17.31 27.19
CA VAL B 353 12.11 -16.90 26.35
C VAL B 353 11.37 -18.11 25.82
N ILE B 354 12.11 -19.10 25.36
CA ILE B 354 11.51 -20.34 24.85
C ILE B 354 10.70 -21.07 25.92
N ASN B 355 11.23 -21.13 27.14
CA ASN B 355 10.53 -21.81 28.23
C ASN B 355 9.28 -21.08 28.73
N ALA B 356 9.36 -19.77 28.88
CA ALA B 356 8.20 -18.98 29.29
C ALA B 356 7.14 -18.89 28.20
N ALA B 357 7.58 -18.98 26.94
CA ALA B 357 6.64 -18.98 25.82
C ALA B 357 5.93 -20.33 25.69
N SER B 358 6.62 -21.41 26.03
CA SER B 358 6.02 -22.74 25.90
C SER B 358 5.22 -23.08 27.14
N GLY B 359 5.39 -22.31 28.21
CA GLY B 359 4.75 -22.62 29.47
C GLY B 359 5.49 -23.63 30.34
N ARG B 360 6.61 -24.18 29.85
CA ARG B 360 7.46 -25.07 30.66
C ARG B 360 7.91 -24.45 32.00
N GLN B 361 8.05 -23.13 32.05
CA GLN B 361 8.35 -22.41 33.29
C GLN B 361 7.59 -21.10 33.31
N THR B 362 7.41 -20.54 34.51
CA THR B 362 6.87 -19.20 34.63
C THR B 362 7.93 -18.18 34.26
N VAL B 363 7.48 -16.96 33.97
CA VAL B 363 8.37 -15.87 33.67
C VAL B 363 9.46 -15.76 34.74
N ASP B 364 9.10 -16.01 36.00
CA ASP B 364 10.02 -15.82 37.13
C ASP B 364 11.03 -16.94 37.32
N GLU B 365 10.63 -18.19 37.12
CA GLU B 365 11.57 -19.31 37.17
C GLU B 365 12.54 -19.25 35.98
N ALA B 366 12.01 -18.90 34.81
CA ALA B 366 12.83 -18.81 33.59
C ALA B 366 13.91 -17.73 33.69
N LEU B 367 13.51 -16.53 34.10
CA LEU B 367 14.46 -15.40 34.24
C LEU B 367 15.48 -15.59 35.37
N LYS B 368 15.08 -16.34 36.41
CA LYS B 368 15.98 -16.66 37.53
C LYS B 368 17.08 -17.59 37.04
N ASP B 369 16.69 -18.69 36.37
CA ASP B 369 17.67 -19.58 35.73
C ASP B 369 18.62 -18.80 34.81
N ALA B 370 18.06 -17.87 34.02
CA ALA B 370 18.83 -17.09 33.07
C ALA B 370 19.87 -16.19 33.72
N GLN B 371 19.44 -15.47 34.75
CA GLN B 371 20.31 -14.64 35.61
C GLN B 371 21.54 -15.38 36.11
N THR B 372 21.34 -16.60 36.59
CA THR B 372 22.44 -17.44 37.04
C THR B 372 23.34 -17.73 35.85
N ASN B 373 22.77 -18.38 34.84
CA ASN B 373 23.56 -18.87 33.71
C ASN B 373 24.39 -17.82 32.98
N ALA B 374 23.97 -16.56 33.02
CA ALA B 374 24.75 -15.45 32.45
C ALA B 374 25.96 -15.01 33.33
N GLY B 375 26.02 -15.45 34.59
CA GLY B 375 27.17 -15.19 35.48
C GLY B 375 27.02 -13.96 36.35
C1 GLC C . -23.52 18.99 -10.92
C2 GLC C . -23.76 18.18 -12.20
C3 GLC C . -24.34 16.81 -11.92
C4 GLC C . -23.50 16.07 -10.90
C5 GLC C . -23.29 16.94 -9.66
C6 GLC C . -22.25 16.31 -8.76
O1 GLC C . -24.76 19.34 -10.35
O2 GLC C . -24.71 18.81 -13.07
O3 GLC C . -24.44 16.07 -13.14
O4 GLC C . -24.17 14.88 -10.54
O5 GLC C . -22.77 18.22 -9.95
O6 GLC C . -22.40 16.94 -7.49
C1 GLC C . -23.68 13.68 -11.09
C2 GLC C . -24.81 12.80 -11.52
C3 GLC C . -25.65 12.41 -10.32
C4 GLC C . -24.76 11.72 -9.33
C5 GLC C . -23.54 12.56 -9.00
C6 GLC C . -22.54 11.76 -8.18
O2 GLC C . -25.57 13.49 -12.46
O3 GLC C . -26.79 11.58 -10.69
O4 GLC C . -25.53 11.61 -8.15
O5 GLC C . -22.86 12.96 -10.18
O6 GLC C . -21.54 12.64 -7.59
C1 GLC C . -25.88 10.30 -7.70
C2 GLC C . -27.37 10.24 -7.29
C3 GLC C . -27.58 11.17 -6.08
C4 GLC C . -26.65 10.79 -4.92
C5 GLC C . -25.17 10.78 -5.38
C6 GLC C . -24.24 10.13 -4.36
O2 GLC C . -28.22 10.52 -8.42
O3 GLC C . -28.92 11.14 -5.57
O4 GLC C . -26.84 11.69 -3.82
O5 GLC C . -25.02 10.01 -6.59
O6 GLC C . -23.23 11.07 -3.96
C1 GLC D . 20.45 -11.06 12.61
C2 GLC D . 21.48 -10.06 13.17
C3 GLC D . 22.29 -10.62 14.32
C4 GLC D . 21.37 -11.42 15.24
C5 GLC D . 20.50 -12.46 14.53
C6 GLC D . 19.55 -13.07 15.54
O1 GLC D . 21.04 -12.10 11.88
O2 GLC D . 22.42 -9.64 12.21
O3 GLC D . 22.89 -9.46 14.98
O4 GLC D . 22.10 -12.10 16.22
O5 GLC D . 19.71 -11.79 13.57
O6 GLC D . 18.84 -14.19 15.02
C1 GLC D . 22.11 -11.46 17.50
C2 GLC D . 23.57 -11.55 17.96
C3 GLC D . 23.95 -13.02 18.08
C4 GLC D . 23.02 -13.75 19.04
C5 GLC D . 21.56 -13.54 18.62
C6 GLC D . 20.58 -14.14 19.62
O2 GLC D . 24.43 -10.91 17.01
O3 GLC D . 25.30 -13.15 18.50
O4 GLC D . 23.36 -15.14 18.99
O5 GLC D . 21.25 -12.16 18.41
O6 GLC D . 19.22 -13.98 19.17
C1 GLC D . 23.72 -15.83 20.20
C2 GLC D . 24.91 -16.74 19.93
C3 GLC D . 24.48 -17.87 18.95
C4 GLC D . 23.28 -18.68 19.48
C5 GLC D . 22.15 -17.70 19.82
C6 GLC D . 21.00 -18.43 20.47
O2 GLC D . 25.99 -15.92 19.47
O3 GLC D . 25.53 -18.82 18.73
O4 GLC D . 22.82 -19.67 18.54
O5 GLC D . 22.65 -16.66 20.70
O6 GLC D . 20.00 -17.52 20.92
C FMT E . -19.04 14.33 -27.26
O1 FMT E . -20.03 13.92 -26.71
O2 FMT E . -18.09 13.45 -27.52
C FMT F . -14.03 17.48 -29.54
O1 FMT F . -15.23 17.39 -29.62
O2 FMT F . -13.48 18.62 -29.16
C FMT G . 25.54 8.00 11.77
O1 FMT G . 24.68 7.32 12.33
O2 FMT G . 25.50 9.32 11.92
C FMT H . 45.64 -3.67 -8.45
O1 FMT H . 45.84 -2.51 -8.71
O2 FMT H . 44.46 -4.24 -8.63
#